data_7U33
#
_entry.id   7U33
#
_cell.length_a   82.640
_cell.length_b   85.698
_cell.length_c   178.261
_cell.angle_alpha   90.000
_cell.angle_beta   90.000
_cell.angle_gamma   90.000
#
_symmetry.space_group_name_H-M   'P 21 21 21'
#
loop_
_entity.id
_entity.type
_entity.pdbx_description
1 polymer 'Glycogen synthase kinase-3 beta'
2 non-polymer 'CHLORIDE ION'
3 non-polymer 3-[2-amino-5-(4-fluorophenyl)pyrimidin-4-yl]-N,N-dimethylazetidine-1-sulfonamide
4 water water
#
_entity_poly.entity_id   1
_entity_poly.type   'polypeptide(L)'
_entity_poly.pdbx_seq_one_letter_code
;SKVTTVVATPGQGPDRPQEVSYTDTKVIGNGSFGVVYQAKLCDSGELVAIKKVLQDKRFKNRELQIMRKLDHCNIVRLRY
FFYSSGEKKDEVYLNLVLDYVPETVYRVARHYSRAKQTLPVIYVKLYMYQLFRSLAYIHSFGICHRDIKPQNLLLDPDTA
VLKLCDFGSAKQLVRGEPNVSYICSRYYRAPELIFGATDYTSSIDVWSAGCVLAELLLGQPIFPGDSGVDQLVEIIKVLG
TPTREQIREMNPNYTEFKFPQIKAHPWTKVFRPRTPPEAIALCSRLLEYTPTARLTPLEACAHSFFDELRDPNVKLPNGR
DTPALFNFTTQELSSNPPLATILIPPHARIQ
;
_entity_poly.pdbx_strand_id   A,B
#
loop_
_chem_comp.id
_chem_comp.type
_chem_comp.name
_chem_comp.formula
CL non-polymer 'CHLORIDE ION' 'Cl -1'
L7R non-polymer 3-[2-amino-5-(4-fluorophenyl)pyrimidin-4-yl]-N,N-dimethylazetidine-1-sulfonamide 'C15 H18 F N5 O2 S'
#
# COMPACT_ATOMS: atom_id res chain seq x y z
N LYS A 2 -3.81 -4.61 41.60
CA LYS A 2 -4.10 -5.79 40.72
C LYS A 2 -2.81 -6.34 40.12
N VAL A 3 -2.69 -7.67 40.08
CA VAL A 3 -1.45 -8.38 39.75
C VAL A 3 -1.73 -9.73 39.11
N THR A 4 -1.23 -9.91 37.88
CA THR A 4 -1.29 -11.19 37.16
C THR A 4 -0.02 -11.99 37.40
N THR A 5 -0.18 -13.29 37.66
CA THR A 5 0.93 -14.20 37.85
C THR A 5 0.77 -15.45 36.99
N VAL A 6 1.76 -15.68 36.12
CA VAL A 6 1.76 -16.77 35.16
C VAL A 6 3.04 -17.59 35.35
N VAL A 7 3.02 -18.82 34.84
CA VAL A 7 4.19 -19.65 34.71
C VAL A 7 4.62 -19.55 33.26
N ALA A 8 5.80 -18.97 33.01
CA ALA A 8 6.29 -18.70 31.66
C ALA A 8 7.64 -19.36 31.37
N THR A 9 7.85 -19.72 30.10
CA THR A 9 9.10 -20.29 29.62
C THR A 9 10.05 -19.17 29.20
N PRO A 10 11.30 -19.11 29.70
CA PRO A 10 12.26 -18.13 29.21
C PRO A 10 12.54 -18.29 27.71
N GLY A 11 12.68 -17.16 26.99
CA GLY A 11 12.80 -17.18 25.55
C GLY A 11 14.07 -17.85 25.07
N GLN A 12 15.18 -17.49 25.72
CA GLN A 12 16.47 -18.14 25.59
C GLN A 12 16.68 -19.09 26.77
N GLY A 13 17.73 -19.91 26.71
CA GLY A 13 18.08 -20.81 27.80
C GLY A 13 17.23 -22.07 27.81
N PRO A 14 17.39 -22.95 28.82
CA PRO A 14 16.66 -24.22 28.87
C PRO A 14 15.24 -24.03 29.41
N ASP A 15 14.33 -24.96 29.06
CA ASP A 15 12.94 -24.94 29.55
C ASP A 15 12.87 -25.13 31.08
N ARG A 16 13.06 -24.03 31.80
CA ARG A 16 13.01 -23.95 33.29
C ARG A 16 11.96 -22.92 33.67
N PRO A 17 10.67 -23.35 33.79
CA PRO A 17 9.56 -22.40 33.92
C PRO A 17 9.75 -21.48 35.12
N GLN A 18 9.37 -20.21 34.99
CA GLN A 18 9.49 -19.26 36.07
C GLN A 18 8.14 -18.63 36.32
N GLU A 19 7.90 -18.31 37.59
CA GLU A 19 6.69 -17.66 38.02
C GLU A 19 6.91 -16.18 37.83
N VAL A 20 6.20 -15.59 36.86
CA VAL A 20 6.35 -14.18 36.49
C VAL A 20 5.07 -13.42 36.85
N SER A 21 5.22 -12.32 37.60
CA SER A 21 4.10 -11.49 38.02
C SER A 21 4.30 -10.07 37.52
N TYR A 22 3.22 -9.46 37.01
CA TYR A 22 3.22 -8.11 36.42
C TYR A 22 1.92 -7.36 36.73
N THR A 23 1.97 -6.04 36.57
CA THR A 23 0.89 -5.12 36.92
C THR A 23 0.89 -3.94 35.94
N ASP A 24 -0.04 -3.00 36.15
CA ASP A 24 -0.21 -1.77 35.34
C ASP A 24 -0.40 -2.06 33.86
N THR A 25 -1.20 -3.09 33.55
CA THR A 25 -1.38 -3.54 32.18
C THR A 25 -2.16 -2.51 31.36
N LYS A 26 -1.45 -1.78 30.50
CA LYS A 26 -2.05 -0.84 29.54
C LYS A 26 -2.28 -1.59 28.24
N VAL A 27 -2.66 -0.86 27.19
CA VAL A 27 -2.80 -1.42 25.85
C VAL A 27 -2.05 -0.55 24.84
N ILE A 28 -1.67 -1.17 23.73
CA ILE A 28 -1.04 -0.51 22.60
C ILE A 28 -1.39 -1.36 21.36
N GLY A 29 -0.60 -1.24 20.30
CA GLY A 29 -0.67 -2.11 19.15
C GLY A 29 -2.06 -2.13 18.56
N ASN A 30 -2.78 -3.24 18.78
CA ASN A 30 -3.93 -3.63 17.95
C ASN A 30 -3.49 -3.74 16.49
N GLY A 31 -3.80 -4.87 15.85
CA GLY A 31 -3.64 -5.01 14.41
C GLY A 31 -3.21 -6.39 14.00
N SER A 32 -3.63 -6.80 12.80
CA SER A 32 -3.40 -8.14 12.25
C SER A 32 -3.17 -9.24 13.31
N PHE A 33 -1.93 -9.35 13.80
CA PHE A 33 -1.53 -10.29 14.85
C PHE A 33 -2.54 -10.41 16.00
N GLY A 34 -2.98 -9.27 16.51
CA GLY A 34 -3.75 -9.19 17.73
C GLY A 34 -3.40 -7.94 18.54
N VAL A 35 -3.31 -8.10 19.87
CA VAL A 35 -3.10 -7.01 20.81
C VAL A 35 -1.67 -6.97 21.36
N VAL A 36 -1.20 -5.76 21.69
CA VAL A 36 0.02 -5.56 22.46
C VAL A 36 -0.30 -4.76 23.70
N TYR A 37 0.15 -5.23 24.86
CA TYR A 37 0.01 -4.57 26.18
C TYR A 37 1.38 -4.10 26.65
N GLN A 38 1.39 -3.07 27.49
CA GLN A 38 2.53 -2.75 28.30
C GLN A 38 2.21 -3.28 29.69
N ALA A 39 3.26 -3.60 30.46
CA ALA A 39 3.13 -4.05 31.84
C ALA A 39 4.40 -3.74 32.60
N LYS A 40 4.28 -3.80 33.93
CA LYS A 40 5.40 -3.59 34.84
C LYS A 40 5.61 -4.85 35.65
N LEU A 41 6.80 -5.44 35.54
CA LEU A 41 7.18 -6.62 36.30
C LEU A 41 7.28 -6.24 37.77
N CYS A 42 6.56 -6.98 38.61
CA CYS A 42 6.35 -6.61 40.00
C CYS A 42 7.62 -6.42 40.82
N ASP A 43 8.53 -7.41 40.76
CA ASP A 43 9.75 -7.36 41.56
C ASP A 43 10.70 -6.29 41.04
N SER A 44 11.22 -6.48 39.83
CA SER A 44 12.25 -5.60 39.24
C SER A 44 11.75 -4.21 38.88
N GLY A 45 10.43 -4.08 38.69
CA GLY A 45 9.82 -2.81 38.33
C GLY A 45 9.98 -2.44 36.87
N GLU A 46 10.64 -3.31 36.10
CA GLU A 46 10.92 -3.10 34.68
C GLU A 46 9.66 -3.18 33.83
N LEU A 47 9.66 -2.43 32.71
CA LEU A 47 8.54 -2.42 31.77
C LEU A 47 8.79 -3.48 30.71
N VAL A 48 7.70 -4.15 30.28
CA VAL A 48 7.74 -5.12 29.20
C VAL A 48 6.54 -4.89 28.30
N ALA A 49 6.63 -5.43 27.09
CA ALA A 49 5.51 -5.47 26.16
C ALA A 49 5.10 -6.91 25.97
N ILE A 50 3.80 -7.17 26.07
CA ILE A 50 3.26 -8.51 25.85
C ILE A 50 2.48 -8.51 24.55
N LYS A 51 3.00 -9.21 23.55
CA LYS A 51 2.32 -9.42 22.27
C LYS A 51 1.49 -10.68 22.38
N LYS A 52 0.15 -10.53 22.28
CA LYS A 52 -0.79 -11.64 22.38
C LYS A 52 -1.39 -11.94 21.01
N VAL A 53 -1.22 -13.17 20.54
CA VAL A 53 -1.72 -13.61 19.24
C VAL A 53 -2.39 -14.97 19.34
N LEU A 54 -3.30 -15.24 18.40
CA LEU A 54 -4.05 -16.48 18.32
C LEU A 54 -3.10 -17.63 17.98
N GLN A 55 -3.16 -18.71 18.76
CA GLN A 55 -2.31 -19.88 18.51
C GLN A 55 -3.05 -20.87 17.62
N ASP A 56 -2.36 -21.30 16.56
CA ASP A 56 -2.94 -22.02 15.43
C ASP A 56 -3.41 -23.45 15.71
N LYS A 57 -2.96 -24.04 16.83
CA LYS A 57 -3.22 -25.46 17.12
C LYS A 57 -2.57 -26.40 16.09
N ARG A 58 -2.87 -26.17 14.80
CA ARG A 58 -2.31 -26.96 13.66
C ARG A 58 -0.78 -26.95 13.73
N PHE A 59 -0.16 -25.79 13.50
CA PHE A 59 1.29 -25.64 13.48
C PHE A 59 1.76 -24.92 14.72
N LYS A 60 3.08 -24.95 14.95
CA LYS A 60 3.73 -24.14 15.99
C LYS A 60 3.98 -22.76 15.39
N ASN A 61 3.92 -21.73 16.23
CA ASN A 61 4.06 -20.33 15.82
C ASN A 61 5.48 -19.99 15.35
N ARG A 62 5.61 -19.59 14.08
CA ARG A 62 6.90 -19.37 13.36
C ARG A 62 7.66 -18.19 13.99
N GLU A 63 6.96 -17.14 14.41
CA GLU A 63 7.59 -15.99 15.04
C GLU A 63 8.32 -16.43 16.29
N LEU A 64 7.64 -17.20 17.14
CA LEU A 64 8.22 -17.76 18.36
C LEU A 64 9.47 -18.57 18.03
N GLN A 65 9.34 -19.52 17.10
CA GLN A 65 10.44 -20.38 16.66
C GLN A 65 11.67 -19.55 16.32
N ILE A 66 11.45 -18.43 15.63
CA ILE A 66 12.51 -17.53 15.20
C ILE A 66 13.07 -16.72 16.39
N MET A 67 12.19 -16.11 17.18
CA MET A 67 12.60 -15.31 18.33
C MET A 67 13.55 -16.06 19.28
N ARG A 68 13.26 -17.33 19.54
CA ARG A 68 14.02 -18.17 20.51
C ARG A 68 15.44 -18.44 19.99
N LYS A 69 15.63 -18.51 18.66
CA LYS A 69 16.94 -18.72 18.05
C LYS A 69 17.84 -17.47 18.06
N LEU A 70 17.28 -16.30 18.34
CA LEU A 70 17.98 -15.03 18.17
C LEU A 70 18.49 -14.48 19.48
N ASP A 71 19.70 -13.91 19.44
CA ASP A 71 20.32 -13.24 20.58
C ASP A 71 21.32 -12.18 20.05
N HIS A 72 20.92 -10.91 20.11
CA HIS A 72 21.69 -9.81 19.52
C HIS A 72 21.33 -8.46 20.13
N CYS A 73 22.36 -7.63 20.35
CA CYS A 73 22.20 -6.34 21.01
C CYS A 73 21.23 -5.41 20.29
N ASN A 74 21.01 -5.66 18.98
CA ASN A 74 20.12 -4.85 18.15
C ASN A 74 18.82 -5.54 17.68
N ILE A 75 18.29 -6.43 18.53
CA ILE A 75 17.03 -7.12 18.32
C ILE A 75 16.34 -7.25 19.68
N VAL A 76 15.03 -7.01 19.73
CA VAL A 76 14.28 -7.10 20.99
C VAL A 76 14.44 -8.48 21.56
N ARG A 77 14.63 -8.56 22.89
CA ARG A 77 14.75 -9.84 23.62
C ARG A 77 13.34 -10.36 23.93
N LEU A 78 13.07 -11.60 23.52
CA LEU A 78 11.94 -12.37 24.02
C LEU A 78 12.35 -12.87 25.41
N ARG A 79 11.82 -12.22 26.45
CA ARG A 79 12.15 -12.53 27.87
C ARG A 79 11.48 -13.85 28.27
N TYR A 80 10.18 -13.97 27.99
CA TYR A 80 9.34 -15.15 28.30
C TYR A 80 8.29 -15.33 27.20
N PHE A 81 7.69 -16.53 27.15
CA PHE A 81 6.46 -16.76 26.44
C PHE A 81 5.63 -17.74 27.26
N PHE A 82 4.30 -17.57 27.18
CA PHE A 82 3.33 -18.42 27.87
C PHE A 82 2.06 -18.43 27.03
N TYR A 83 1.19 -19.41 27.29
CA TYR A 83 -0.13 -19.56 26.63
C TYR A 83 -1.23 -19.17 27.63
N SER A 84 -2.37 -18.70 27.12
CA SER A 84 -3.52 -18.32 27.94
C SER A 84 -4.75 -18.10 27.05
N SER A 85 -5.86 -17.70 27.66
CA SER A 85 -6.99 -17.17 26.92
C SER A 85 -7.93 -16.28 27.73
N GLY A 86 -8.78 -16.91 28.55
CA GLY A 86 -9.91 -16.25 29.18
C GLY A 86 -11.04 -16.08 28.18
N GLU A 87 -12.22 -15.65 28.68
CA GLU A 87 -13.41 -15.34 27.88
C GLU A 87 -14.01 -16.58 27.16
N LYS A 88 -15.14 -16.37 26.46
CA LYS A 88 -15.84 -17.44 25.74
C LYS A 88 -15.15 -17.69 24.40
N LYS A 89 -14.17 -18.60 24.39
CA LYS A 89 -13.36 -18.85 23.20
C LYS A 89 -13.00 -20.30 22.85
N ASP A 90 -12.57 -21.09 23.85
CA ASP A 90 -11.85 -22.35 23.64
C ASP A 90 -10.77 -22.25 22.54
N GLU A 91 -10.05 -21.11 22.52
CA GLU A 91 -8.92 -20.87 21.63
C GLU A 91 -7.71 -20.37 22.43
N VAL A 92 -6.55 -20.95 22.13
CA VAL A 92 -5.30 -20.64 22.78
C VAL A 92 -4.70 -19.36 22.19
N TYR A 93 -4.17 -18.50 23.06
CA TYR A 93 -3.35 -17.31 22.69
C TYR A 93 -1.90 -17.52 23.15
N LEU A 94 -0.95 -17.27 22.24
CA LEU A 94 0.46 -17.20 22.57
C LEU A 94 0.77 -15.79 23.02
N ASN A 95 1.44 -15.64 24.17
CA ASN A 95 1.84 -14.35 24.71
C ASN A 95 3.37 -14.24 24.70
N LEU A 96 3.90 -13.28 23.94
CA LEU A 96 5.33 -13.01 23.88
C LEU A 96 5.69 -11.83 24.77
N VAL A 97 6.43 -12.08 25.85
CA VAL A 97 6.88 -11.04 26.77
C VAL A 97 8.24 -10.52 26.28
N LEU A 98 8.26 -9.23 25.91
CA LEU A 98 9.41 -8.61 25.26
C LEU A 98 9.83 -7.39 26.03
N ASP A 99 11.12 -7.07 25.93
CA ASP A 99 11.66 -5.82 26.45
C ASP A 99 10.87 -4.68 25.83
N TYR A 100 10.34 -3.80 26.69
CA TYR A 100 9.70 -2.53 26.30
C TYR A 100 10.79 -1.49 26.00
N VAL A 101 10.78 -0.96 24.77
CA VAL A 101 11.69 0.10 24.34
C VAL A 101 10.82 1.29 23.97
N PRO A 102 11.04 2.48 24.57
CA PRO A 102 10.03 3.55 24.59
C PRO A 102 9.69 4.14 23.22
N GLU A 103 10.68 4.56 22.43
CA GLU A 103 10.46 5.23 21.16
C GLU A 103 10.59 4.31 19.96
N THR A 104 10.22 4.83 18.78
CA THR A 104 10.43 4.19 17.49
C THR A 104 10.98 5.20 16.49
N VAL A 105 11.73 4.72 15.51
CA VAL A 105 12.28 5.58 14.47
C VAL A 105 11.14 6.37 13.83
N TYR A 106 10.00 5.70 13.62
CA TYR A 106 8.79 6.30 13.01
C TYR A 106 8.40 7.57 13.76
N ARG A 107 8.17 7.45 15.07
CA ARG A 107 7.67 8.55 15.94
C ARG A 107 8.70 9.68 15.96
N VAL A 108 9.99 9.33 16.13
CA VAL A 108 11.07 10.31 16.16
C VAL A 108 11.11 11.07 14.85
N ALA A 109 11.20 10.33 13.74
CA ALA A 109 11.28 10.92 12.41
C ALA A 109 10.20 11.96 12.21
N ARG A 110 8.98 11.65 12.68
CA ARG A 110 7.75 12.45 12.46
C ARG A 110 7.79 13.69 13.36
N HIS A 111 8.38 13.60 14.56
CA HIS A 111 8.57 14.76 15.42
C HIS A 111 9.39 15.81 14.67
N TYR A 112 10.54 15.38 14.15
CA TYR A 112 11.48 16.25 13.39
C TYR A 112 10.78 16.72 12.10
N SER A 113 9.99 15.85 11.47
CA SER A 113 9.29 16.18 10.23
C SER A 113 8.25 17.29 10.43
N ARG A 114 7.40 17.11 11.45
CA ARG A 114 6.37 18.10 11.88
C ARG A 114 7.04 19.45 12.13
N ALA A 115 8.16 19.46 12.84
CA ALA A 115 8.88 20.68 13.17
C ALA A 115 9.77 21.22 12.03
N LYS A 116 9.60 20.68 10.82
CA LYS A 116 10.38 21.08 9.62
C LYS A 116 11.90 20.90 9.76
N GLN A 117 12.32 20.01 10.67
CA GLN A 117 13.73 19.69 10.94
C GLN A 117 14.06 18.35 10.31
N THR A 118 15.36 18.04 10.23
CA THR A 118 15.85 16.68 10.00
C THR A 118 16.68 16.26 11.20
N LEU A 119 16.62 14.96 11.49
CA LEU A 119 17.37 14.31 12.55
C LEU A 119 18.87 14.54 12.31
N PRO A 120 19.64 15.02 13.30
CA PRO A 120 21.10 15.11 13.18
C PRO A 120 21.74 13.84 12.60
N VAL A 121 22.64 14.02 11.63
CA VAL A 121 23.26 12.94 10.87
C VAL A 121 23.94 11.89 11.76
N ILE A 122 24.41 12.32 12.94
CA ILE A 122 25.03 11.40 13.89
C ILE A 122 24.06 10.29 14.31
N TYR A 123 22.81 10.67 14.56
CA TYR A 123 21.70 9.74 14.93
C TYR A 123 21.33 8.88 13.72
N VAL A 124 21.35 9.47 12.52
CA VAL A 124 21.10 8.73 11.28
C VAL A 124 22.13 7.60 11.15
N LYS A 125 23.40 7.92 11.41
CA LYS A 125 24.49 6.94 11.39
C LYS A 125 24.31 5.83 12.41
N LEU A 126 24.10 6.22 13.67
CA LEU A 126 23.89 5.27 14.76
C LEU A 126 22.75 4.29 14.49
N TYR A 127 21.59 4.81 14.08
CA TYR A 127 20.35 4.00 13.87
C TYR A 127 20.58 3.05 12.68
N MET A 128 21.08 3.57 11.55
CA MET A 128 21.26 2.76 10.35
C MET A 128 22.29 1.64 10.52
N TYR A 129 23.42 1.96 11.16
CA TYR A 129 24.51 1.00 11.47
C TYR A 129 23.92 -0.17 12.29
N GLN A 130 23.26 0.16 13.39
CA GLN A 130 22.65 -0.83 14.27
C GLN A 130 21.61 -1.70 13.56
N LEU A 131 20.85 -1.11 12.63
CA LEU A 131 19.90 -1.86 11.82
C LEU A 131 20.65 -2.87 10.95
N PHE A 132 21.68 -2.40 10.25
CA PHE A 132 22.45 -3.26 9.36
C PHE A 132 23.10 -4.44 10.10
N ARG A 133 23.56 -4.19 11.33
CA ARG A 133 24.09 -5.25 12.22
C ARG A 133 22.99 -6.29 12.48
N SER A 134 21.76 -5.83 12.80
CA SER A 134 20.66 -6.74 13.11
C SER A 134 20.32 -7.59 11.88
N LEU A 135 20.39 -6.98 10.69
CA LEU A 135 20.15 -7.68 9.43
C LEU A 135 21.26 -8.68 9.13
N ALA A 136 22.52 -8.23 9.29
CA ALA A 136 23.68 -9.09 9.13
C ALA A 136 23.55 -10.38 9.97
N TYR A 137 23.12 -10.23 11.23
CA TYR A 137 22.91 -11.33 12.19
C TYR A 137 21.81 -12.27 11.66
N ILE A 138 20.58 -11.77 11.50
CA ILE A 138 19.47 -12.65 11.12
C ILE A 138 19.71 -13.28 9.74
N HIS A 139 20.29 -12.52 8.81
CA HIS A 139 20.56 -13.04 7.48
C HIS A 139 21.53 -14.21 7.55
N SER A 140 22.45 -14.19 8.53
CA SER A 140 23.41 -15.28 8.72
C SER A 140 22.76 -16.63 9.02
N PHE A 141 21.53 -16.61 9.57
CA PHE A 141 20.72 -17.82 9.75
C PHE A 141 19.82 -18.10 8.55
N GLY A 142 19.95 -17.29 7.49
CA GLY A 142 19.05 -17.35 6.34
C GLY A 142 17.63 -16.86 6.59
N ILE A 143 17.46 -16.05 7.63
CA ILE A 143 16.18 -15.46 8.00
C ILE A 143 16.08 -14.03 7.46
N CYS A 144 15.03 -13.78 6.67
CA CYS A 144 14.70 -12.47 6.12
C CYS A 144 13.56 -11.93 6.96
N HIS A 145 13.63 -10.65 7.31
CA HIS A 145 12.60 -9.98 8.13
C HIS A 145 11.32 -9.78 7.32
N ARG A 146 11.48 -9.21 6.11
CA ARG A 146 10.45 -9.08 5.05
C ARG A 146 9.45 -7.97 5.40
N ASP A 147 9.71 -7.17 6.44
CA ASP A 147 8.89 -6.02 6.74
C ASP A 147 9.66 -4.96 7.53
N ILE A 148 10.82 -4.58 7.00
CA ILE A 148 11.62 -3.50 7.56
C ILE A 148 10.92 -2.19 7.23
N LYS A 149 10.63 -1.42 8.28
CA LYS A 149 10.02 -0.10 8.19
C LYS A 149 10.23 0.61 9.52
N PRO A 150 10.15 1.97 9.54
CA PRO A 150 10.40 2.76 10.74
C PRO A 150 9.63 2.34 12.02
N GLN A 151 8.41 1.83 11.87
CA GLN A 151 7.60 1.43 13.03
C GLN A 151 8.19 0.23 13.76
N ASN A 152 8.96 -0.59 13.03
CA ASN A 152 9.61 -1.78 13.58
C ASN A 152 11.02 -1.53 14.12
N LEU A 153 11.47 -0.27 14.12
CA LEU A 153 12.77 0.13 14.63
C LEU A 153 12.61 0.88 15.95
N LEU A 154 12.79 0.17 17.05
CA LEU A 154 12.64 0.71 18.39
C LEU A 154 13.92 1.39 18.85
N LEU A 155 13.77 2.49 19.60
CA LEU A 155 14.86 3.34 20.04
C LEU A 155 14.72 3.62 21.51
N ASP A 156 15.83 3.56 22.24
CA ASP A 156 15.95 4.19 23.54
C ASP A 156 16.63 5.53 23.27
N PRO A 157 15.94 6.68 23.49
CA PRO A 157 16.49 7.97 23.08
C PRO A 157 17.79 8.36 23.80
N ASP A 158 17.93 7.96 25.08
CA ASP A 158 19.07 8.34 25.91
C ASP A 158 20.36 7.64 25.50
N THR A 159 20.27 6.33 25.21
CA THR A 159 21.43 5.49 24.89
C THR A 159 21.75 5.38 23.39
N ALA A 160 20.78 5.79 22.56
CA ALA A 160 20.89 5.75 21.10
C ALA A 160 20.83 4.32 20.56
N VAL A 161 20.37 3.39 21.40
CA VAL A 161 20.33 1.97 21.06
C VAL A 161 19.10 1.71 20.22
N LEU A 162 19.29 1.00 19.09
CA LEU A 162 18.21 0.62 18.18
C LEU A 162 18.01 -0.88 18.26
N LYS A 163 16.76 -1.32 18.14
CA LYS A 163 16.40 -2.73 18.23
C LYS A 163 15.30 -3.06 17.22
N LEU A 164 15.62 -3.99 16.31
CA LEU A 164 14.68 -4.52 15.34
C LEU A 164 13.63 -5.37 16.06
N CYS A 165 12.36 -5.19 15.68
CA CYS A 165 11.24 -5.91 16.27
C CYS A 165 10.21 -6.31 15.20
N ASP A 166 9.16 -7.01 15.67
CA ASP A 166 8.08 -7.54 14.84
C ASP A 166 8.58 -8.52 13.79
N PHE A 167 8.72 -9.78 14.20
CA PHE A 167 9.15 -10.86 13.32
C PHE A 167 7.97 -11.70 12.81
N GLY A 168 6.76 -11.15 12.95
CA GLY A 168 5.55 -11.74 12.41
C GLY A 168 5.58 -12.14 10.95
N SER A 169 6.41 -11.47 10.13
CA SER A 169 6.58 -11.76 8.69
C SER A 169 7.87 -12.50 8.35
N ALA A 170 8.75 -12.66 9.35
CA ALA A 170 10.09 -13.18 9.14
C ALA A 170 10.04 -14.65 8.79
N LYS A 171 11.00 -15.09 7.97
CA LYS A 171 11.02 -16.44 7.44
C LYS A 171 12.38 -16.83 6.86
N GLN A 172 12.73 -18.11 7.06
CA GLN A 172 13.94 -18.68 6.54
C GLN A 172 13.77 -18.87 5.04
N LEU A 173 14.51 -18.11 4.24
CA LEU A 173 14.45 -18.19 2.78
C LEU A 173 15.45 -19.23 2.28
N VAL A 174 14.94 -20.30 1.65
CA VAL A 174 15.74 -21.41 1.17
C VAL A 174 15.75 -21.49 -0.36
N ARG A 175 16.94 -21.34 -0.96
CA ARG A 175 17.15 -21.33 -2.43
C ARG A 175 16.31 -22.46 -3.06
N GLY A 176 15.51 -22.14 -4.07
CA GLY A 176 14.66 -23.11 -4.74
C GLY A 176 13.20 -23.07 -4.32
N GLU A 177 12.95 -22.81 -3.03
CA GLU A 177 11.58 -22.75 -2.50
C GLU A 177 10.94 -21.38 -2.75
N PRO A 178 9.69 -21.31 -3.25
CA PRO A 178 9.05 -20.03 -3.56
C PRO A 178 8.44 -19.37 -2.32
N ASN A 179 8.31 -18.04 -2.33
CA ASN A 179 7.75 -17.29 -1.22
C ASN A 179 6.77 -16.21 -1.65
N VAL A 180 5.75 -15.97 -0.82
CA VAL A 180 4.69 -15.02 -1.13
C VAL A 180 5.27 -13.64 -1.36
N SER A 181 4.75 -12.93 -2.37
CA SER A 181 5.25 -11.61 -2.75
C SER A 181 4.43 -10.45 -2.19
N TYR A 182 3.53 -10.74 -1.23
CA TYR A 182 2.60 -9.74 -0.65
C TYR A 182 3.05 -9.35 0.76
N ILE A 183 4.35 -9.45 1.05
CA ILE A 183 4.84 -9.32 2.43
C ILE A 183 5.27 -7.98 2.99
N CYS A 184 5.96 -7.16 2.19
CA CYS A 184 6.58 -5.95 2.76
C CYS A 184 5.57 -4.81 2.82
N SER A 185 5.81 -3.79 3.65
CA SER A 185 4.91 -2.63 3.74
C SER A 185 5.22 -1.61 2.68
N ARG A 186 4.18 -0.91 2.21
CA ARG A 186 4.27 0.02 1.07
C ARG A 186 5.29 1.11 1.38
N TYR A 187 5.97 1.59 0.35
CA TYR A 187 7.13 2.54 0.40
C TYR A 187 8.44 1.77 0.57
N TYR A 188 8.44 0.64 1.30
CA TYR A 188 9.66 -0.11 1.71
C TYR A 188 9.79 -1.42 0.91
N ARG A 189 8.84 -1.66 0.00
CA ARG A 189 8.79 -2.85 -0.87
C ARG A 189 9.87 -2.70 -1.95
N ALA A 190 10.69 -3.74 -2.12
CA ALA A 190 11.67 -3.79 -3.18
C ALA A 190 10.96 -3.99 -4.52
N PRO A 191 11.54 -3.50 -5.64
CA PRO A 191 10.91 -3.61 -6.95
C PRO A 191 10.47 -5.04 -7.27
N GLU A 192 11.34 -6.03 -7.01
CA GLU A 192 11.03 -7.44 -7.27
C GLU A 192 9.73 -7.90 -6.57
N LEU A 193 9.43 -7.35 -5.40
CA LEU A 193 8.17 -7.64 -4.69
C LEU A 193 6.98 -7.02 -5.42
N ILE A 194 7.15 -5.78 -5.89
CA ILE A 194 6.12 -5.05 -6.62
C ILE A 194 5.79 -5.83 -7.91
N PHE A 195 6.83 -6.31 -8.59
CA PHE A 195 6.68 -7.15 -9.78
C PHE A 195 6.24 -8.58 -9.46
N GLY A 196 5.87 -8.84 -8.20
CA GLY A 196 5.29 -10.12 -7.79
C GLY A 196 6.21 -11.34 -7.75
N ALA A 197 7.52 -11.10 -7.82
CA ALA A 197 8.55 -12.16 -7.74
C ALA A 197 8.35 -13.01 -6.50
N THR A 198 8.51 -14.33 -6.66
CA THR A 198 8.48 -15.27 -5.52
C THR A 198 9.80 -15.99 -5.27
N ASP A 199 10.84 -15.60 -6.01
CA ASP A 199 12.19 -16.16 -5.87
C ASP A 199 13.15 -15.15 -5.25
N TYR A 200 12.62 -14.18 -4.51
CA TYR A 200 13.41 -13.06 -3.92
C TYR A 200 14.32 -13.60 -2.82
N THR A 201 15.35 -12.82 -2.44
CA THR A 201 16.34 -13.18 -1.43
C THR A 201 16.26 -12.22 -0.25
N SER A 202 17.22 -12.30 0.66
CA SER A 202 17.28 -11.39 1.80
C SER A 202 17.56 -9.93 1.44
N SER A 203 17.97 -9.69 0.20
CA SER A 203 18.28 -8.33 -0.26
C SER A 203 17.06 -7.42 -0.33
N ILE A 204 15.85 -7.97 -0.16
CA ILE A 204 14.65 -7.14 -0.02
C ILE A 204 14.73 -6.28 1.26
N ASP A 205 15.29 -6.87 2.33
CA ASP A 205 15.54 -6.16 3.58
C ASP A 205 16.52 -5.01 3.38
N VAL A 206 17.51 -5.22 2.51
CA VAL A 206 18.50 -4.18 2.21
C VAL A 206 17.85 -3.01 1.48
N TRP A 207 17.01 -3.32 0.48
CA TRP A 207 16.25 -2.30 -0.22
C TRP A 207 15.45 -1.47 0.79
N SER A 208 14.74 -2.16 1.69
CA SER A 208 13.90 -1.53 2.71
C SER A 208 14.71 -0.64 3.65
N ALA A 209 15.87 -1.15 4.07
CA ALA A 209 16.78 -0.38 4.90
C ALA A 209 17.18 0.93 4.18
N GLY A 210 17.53 0.82 2.89
CA GLY A 210 17.84 1.96 2.05
C GLY A 210 16.72 2.98 2.00
N CYS A 211 15.47 2.50 1.91
CA CYS A 211 14.29 3.36 1.95
C CYS A 211 14.18 4.14 3.27
N VAL A 212 14.60 3.52 4.37
CA VAL A 212 14.63 4.15 5.69
C VAL A 212 15.73 5.20 5.78
N LEU A 213 16.92 4.90 5.22
CA LEU A 213 18.02 5.85 5.24
C LEU A 213 17.60 7.11 4.48
N ALA A 214 17.22 6.93 3.21
CA ALA A 214 16.81 8.03 2.35
C ALA A 214 15.75 8.89 3.02
N GLU A 215 14.83 8.25 3.75
CA GLU A 215 13.70 8.90 4.40
C GLU A 215 14.13 9.77 5.58
N LEU A 216 15.06 9.26 6.39
CA LEU A 216 15.65 10.03 7.48
C LEU A 216 16.42 11.24 6.92
N LEU A 217 17.05 11.06 5.76
CA LEU A 217 17.77 12.13 5.10
C LEU A 217 16.79 13.14 4.51
N LEU A 218 15.84 12.67 3.68
CA LEU A 218 14.84 13.54 3.03
C LEU A 218 13.86 14.25 3.98
N GLY A 219 13.46 13.56 5.05
CA GLY A 219 12.42 14.02 5.94
C GLY A 219 11.04 13.51 5.57
N GLN A 220 10.98 12.61 4.58
CA GLN A 220 9.73 12.00 4.12
C GLN A 220 10.04 10.79 3.26
N PRO A 221 9.09 9.85 3.07
CA PRO A 221 9.35 8.64 2.30
C PRO A 221 9.86 8.91 0.88
N ILE A 222 10.90 8.19 0.43
CA ILE A 222 11.48 8.43 -0.89
C ILE A 222 10.65 7.90 -2.05
N PHE A 223 10.05 6.70 -1.88
CA PHE A 223 9.25 6.07 -2.94
C PHE A 223 7.79 5.89 -2.53
N PRO A 224 7.03 7.00 -2.37
CA PRO A 224 5.63 6.92 -1.96
C PRO A 224 4.69 6.56 -3.12
N GLY A 225 3.44 6.23 -2.80
CA GLY A 225 2.45 5.84 -3.78
C GLY A 225 1.44 4.94 -3.14
N ASP A 226 0.17 5.12 -3.52
CA ASP A 226 -0.92 4.30 -3.00
C ASP A 226 -1.09 3.00 -3.79
N SER A 227 -0.45 2.93 -4.96
CA SER A 227 -0.43 1.74 -5.79
C SER A 227 1.02 1.42 -6.16
N GLY A 228 1.26 0.15 -6.54
CA GLY A 228 2.55 -0.31 -7.03
C GLY A 228 2.99 0.50 -8.23
N VAL A 229 2.03 0.75 -9.13
CA VAL A 229 2.21 1.61 -10.28
C VAL A 229 2.85 2.94 -9.86
N ASP A 230 2.24 3.62 -8.89
CA ASP A 230 2.71 4.91 -8.42
C ASP A 230 4.09 4.84 -7.76
N GLN A 231 4.35 3.75 -7.04
CA GLN A 231 5.65 3.54 -6.39
C GLN A 231 6.75 3.39 -7.43
N LEU A 232 6.51 2.56 -8.45
CA LEU A 232 7.47 2.34 -9.54
C LEU A 232 7.82 3.62 -10.29
N VAL A 233 6.82 4.48 -10.50
CA VAL A 233 7.01 5.79 -11.13
C VAL A 233 8.06 6.59 -10.34
N GLU A 234 7.89 6.62 -9.01
CA GLU A 234 8.80 7.33 -8.13
C GLU A 234 10.19 6.72 -8.14
N ILE A 235 10.26 5.39 -8.15
CA ILE A 235 11.52 4.64 -8.22
C ILE A 235 12.25 4.96 -9.52
N ILE A 236 11.50 4.98 -10.63
CA ILE A 236 12.05 5.24 -11.96
C ILE A 236 12.53 6.70 -12.08
N LYS A 237 11.79 7.63 -11.45
CA LYS A 237 12.18 9.04 -11.41
C LYS A 237 13.59 9.23 -10.80
N VAL A 238 13.99 8.32 -9.90
CA VAL A 238 15.27 8.41 -9.20
C VAL A 238 16.32 7.54 -9.90
N LEU A 239 16.06 6.23 -9.98
CA LEU A 239 17.01 5.25 -10.51
C LEU A 239 17.13 5.29 -12.02
N GLY A 240 16.09 5.80 -12.69
CA GLY A 240 15.97 5.74 -14.14
C GLY A 240 15.23 4.48 -14.53
N THR A 241 14.91 4.36 -15.81
CA THR A 241 14.17 3.23 -16.34
C THR A 241 15.05 1.98 -16.29
N PRO A 242 14.55 0.85 -15.74
CA PRO A 242 15.36 -0.37 -15.64
C PRO A 242 15.56 -1.07 -16.99
N THR A 243 16.81 -1.46 -17.29
CA THR A 243 17.14 -2.17 -18.52
C THR A 243 16.42 -3.52 -18.53
N ARG A 244 16.31 -4.11 -19.72
CA ARG A 244 15.74 -5.46 -19.95
C ARG A 244 16.52 -6.47 -19.09
N GLU A 245 17.83 -6.24 -18.93
CA GLU A 245 18.68 -7.02 -18.06
C GLU A 245 18.17 -6.91 -16.62
N GLN A 246 18.14 -5.68 -16.09
CA GLN A 246 17.69 -5.41 -14.72
C GLN A 246 16.28 -5.93 -14.45
N ILE A 247 15.39 -5.78 -15.45
CA ILE A 247 14.02 -6.25 -15.36
C ILE A 247 13.96 -7.77 -15.18
N ARG A 248 14.79 -8.50 -15.93
CA ARG A 248 14.89 -9.99 -15.86
C ARG A 248 15.48 -10.37 -14.50
N GLU A 249 16.41 -9.55 -13.98
CA GLU A 249 17.07 -9.76 -12.70
C GLU A 249 16.10 -9.76 -11.50
N MET A 250 15.16 -8.81 -11.49
CA MET A 250 14.16 -8.68 -10.41
C MET A 250 13.10 -9.78 -10.47
N ASN A 251 12.17 -9.64 -11.41
CA ASN A 251 11.14 -10.65 -11.63
C ASN A 251 11.41 -11.37 -12.95
N PRO A 252 11.93 -12.62 -12.93
CA PRO A 252 12.10 -13.41 -14.14
C PRO A 252 10.88 -13.43 -15.09
N ASN A 253 9.66 -13.51 -14.52
CA ASN A 253 8.44 -13.76 -15.27
C ASN A 253 7.87 -12.60 -16.10
N TYR A 254 8.74 -11.63 -16.43
CA TYR A 254 8.44 -10.45 -17.28
C TYR A 254 6.92 -10.21 -17.31
N THR A 255 6.39 -9.79 -16.15
CA THR A 255 4.95 -9.46 -15.96
C THR A 255 4.27 -9.31 -17.32
N GLU A 256 4.32 -8.10 -17.91
CA GLU A 256 3.66 -7.82 -19.21
C GLU A 256 3.98 -6.42 -19.75
N PHE A 257 4.81 -5.57 -19.13
CA PHE A 257 4.85 -4.19 -19.72
C PHE A 257 6.18 -3.42 -19.72
N LYS A 258 6.11 -2.21 -20.28
CA LYS A 258 7.12 -1.17 -20.48
C LYS A 258 6.64 0.13 -19.82
N PHE A 259 7.60 0.88 -19.25
CA PHE A 259 7.35 2.02 -18.38
C PHE A 259 7.84 3.23 -19.16
N PRO A 260 7.54 4.47 -18.73
CA PRO A 260 8.08 5.66 -19.39
C PRO A 260 9.61 5.68 -19.31
N GLN A 261 10.29 6.04 -20.41
CA GLN A 261 11.76 6.00 -20.47
C GLN A 261 12.40 7.27 -19.91
N ILE A 262 12.71 7.24 -18.61
CA ILE A 262 13.29 8.36 -17.88
C ILE A 262 14.75 8.03 -17.52
N LYS A 263 15.62 9.04 -17.68
CA LYS A 263 17.03 8.95 -17.29
C LYS A 263 17.18 9.11 -15.79
N ALA A 264 18.31 8.66 -15.25
CA ALA A 264 18.59 8.74 -13.81
C ALA A 264 18.75 10.18 -13.32
N HIS A 265 17.93 10.54 -12.32
CA HIS A 265 18.02 11.83 -11.64
C HIS A 265 19.28 11.73 -10.78
N PRO A 266 20.29 12.61 -10.97
CA PRO A 266 21.53 12.53 -10.18
C PRO A 266 21.23 12.53 -8.68
N TRP A 267 21.59 11.43 -8.01
CA TRP A 267 21.35 11.23 -6.59
C TRP A 267 21.65 12.47 -5.72
N THR A 268 22.64 13.29 -6.14
CA THR A 268 22.96 14.54 -5.44
C THR A 268 21.82 15.54 -5.48
N LYS A 269 21.11 15.58 -6.61
CA LYS A 269 19.97 16.47 -6.81
C LYS A 269 18.67 15.97 -6.10
N VAL A 270 18.72 14.76 -5.53
CA VAL A 270 17.62 14.18 -4.76
C VAL A 270 17.55 14.73 -3.33
N PHE A 271 18.72 14.99 -2.73
CA PHE A 271 18.81 15.36 -1.33
C PHE A 271 19.09 16.83 -1.09
N ARG A 272 18.73 17.28 0.12
CA ARG A 272 18.99 18.64 0.68
C ARG A 272 20.46 19.00 0.42
N PRO A 273 20.78 20.28 0.10
CA PRO A 273 22.08 20.63 -0.48
C PRO A 273 23.34 20.21 0.31
N ARG A 274 23.30 20.22 1.64
CA ARG A 274 24.50 19.96 2.49
C ARG A 274 24.44 18.52 3.03
N THR A 275 23.71 17.61 2.38
CA THR A 275 23.67 16.22 2.77
C THR A 275 25.06 15.61 2.56
N PRO A 276 25.61 14.88 3.55
CA PRO A 276 26.91 14.22 3.36
C PRO A 276 26.94 13.35 2.11
N PRO A 277 27.98 13.47 1.24
CA PRO A 277 28.09 12.62 0.06
C PRO A 277 28.12 11.11 0.36
N GLU A 278 28.73 10.71 1.48
CA GLU A 278 28.83 9.30 1.86
C GLU A 278 27.44 8.71 2.04
N ALA A 279 26.55 9.47 2.68
CA ALA A 279 25.15 9.09 2.88
C ALA A 279 24.50 8.81 1.54
N ILE A 280 24.73 9.71 0.58
CA ILE A 280 24.17 9.61 -0.76
C ILE A 280 24.73 8.38 -1.49
N ALA A 281 26.05 8.21 -1.42
CA ALA A 281 26.73 7.05 -1.98
C ALA A 281 26.10 5.75 -1.50
N LEU A 282 26.01 5.61 -0.18
CA LEU A 282 25.42 4.43 0.48
C LEU A 282 24.02 4.14 -0.06
N CYS A 283 23.17 5.18 -0.12
CA CYS A 283 21.82 5.03 -0.67
C CYS A 283 21.84 4.37 -2.04
N SER A 284 22.66 4.89 -2.95
CA SER A 284 22.71 4.43 -4.33
C SER A 284 23.13 2.96 -4.45
N ARG A 285 23.90 2.50 -3.45
CA ARG A 285 24.44 1.11 -3.35
C ARG A 285 23.47 0.20 -2.59
N LEU A 286 22.48 0.76 -1.91
CA LEU A 286 21.39 -0.01 -1.30
C LEU A 286 20.21 -0.11 -2.26
N LEU A 287 19.79 1.04 -2.79
CA LEU A 287 18.64 1.15 -3.69
C LEU A 287 19.05 0.89 -5.14
N GLU A 288 19.31 -0.39 -5.46
CA GLU A 288 19.66 -0.87 -6.78
C GLU A 288 18.56 -1.80 -7.27
N TYR A 289 18.25 -1.75 -8.56
CA TYR A 289 17.27 -2.64 -9.23
C TYR A 289 17.70 -4.11 -9.03
N THR A 290 18.88 -4.45 -9.56
CA THR A 290 19.40 -5.81 -9.49
C THR A 290 19.66 -6.23 -8.05
N PRO A 291 18.87 -7.19 -7.50
CA PRO A 291 19.00 -7.61 -6.09
C PRO A 291 20.41 -8.01 -5.63
N THR A 292 21.16 -8.69 -6.51
CA THR A 292 22.51 -9.14 -6.18
C THR A 292 23.53 -8.00 -6.17
N ALA A 293 23.19 -6.87 -6.80
CA ALA A 293 24.05 -5.69 -6.88
C ALA A 293 24.08 -4.83 -5.61
N ARG A 294 23.10 -5.02 -4.73
CA ARG A 294 22.95 -4.24 -3.47
C ARG A 294 24.01 -4.74 -2.48
N LEU A 295 24.56 -3.84 -1.65
CA LEU A 295 25.46 -4.23 -0.59
C LEU A 295 24.79 -5.27 0.30
N THR A 296 25.61 -6.11 0.93
CA THR A 296 25.15 -6.97 2.01
C THR A 296 25.01 -6.08 3.24
N PRO A 297 24.22 -6.48 4.26
CA PRO A 297 24.17 -5.74 5.52
C PRO A 297 25.57 -5.49 6.10
N LEU A 298 26.40 -6.52 6.14
CA LEU A 298 27.74 -6.45 6.71
C LEU A 298 28.64 -5.50 5.93
N GLU A 299 28.51 -5.52 4.59
CA GLU A 299 29.19 -4.57 3.70
C GLU A 299 28.75 -3.14 3.95
N ALA A 300 27.47 -2.96 4.29
CA ALA A 300 26.92 -1.64 4.61
C ALA A 300 27.55 -1.09 5.89
N CYS A 301 27.61 -1.92 6.94
CA CYS A 301 28.25 -1.54 8.20
C CYS A 301 29.66 -0.96 7.98
N ALA A 302 30.42 -1.59 7.07
CA ALA A 302 31.78 -1.19 6.73
C ALA A 302 31.88 0.01 5.75
N HIS A 303 30.73 0.50 5.27
CA HIS A 303 30.71 1.64 4.37
C HIS A 303 31.26 2.87 5.08
N SER A 304 31.88 3.77 4.30
CA SER A 304 32.58 4.94 4.83
C SER A 304 31.66 5.94 5.54
N PHE A 305 30.36 5.92 5.17
CA PHE A 305 29.33 6.73 5.84
C PHE A 305 29.32 6.50 7.36
N PHE A 306 29.77 5.31 7.80
CA PHE A 306 29.83 4.97 9.22
C PHE A 306 31.22 5.14 9.88
N ASP A 307 32.16 5.78 9.16
CA ASP A 307 33.53 5.97 9.66
C ASP A 307 33.55 6.75 10.97
N GLU A 308 32.68 7.76 11.11
CA GLU A 308 32.61 8.56 12.33
C GLU A 308 32.34 7.69 13.57
N LEU A 309 31.55 6.63 13.40
CA LEU A 309 31.22 5.74 14.51
C LEU A 309 32.44 4.97 14.98
N ARG A 310 33.41 4.77 14.09
CA ARG A 310 34.65 3.99 14.34
C ARG A 310 35.75 4.90 14.92
N ASP A 311 35.55 6.23 14.88
CA ASP A 311 36.44 7.18 15.51
C ASP A 311 36.46 6.93 17.01
N PRO A 312 37.65 6.88 17.66
CA PRO A 312 37.74 6.58 19.09
C PRO A 312 37.15 7.66 20.00
N ASN A 313 37.13 8.92 19.53
CA ASN A 313 36.63 10.03 20.32
C ASN A 313 35.13 10.30 20.22
N VAL A 314 34.45 9.59 19.31
CA VAL A 314 33.03 9.80 19.05
C VAL A 314 32.21 9.61 20.33
N LYS A 315 31.33 10.58 20.59
CA LYS A 315 30.44 10.58 21.73
C LYS A 315 29.07 10.98 21.24
N LEU A 316 28.04 10.67 22.04
CA LEU A 316 26.69 11.17 21.78
C LEU A 316 26.66 12.68 22.03
N PRO A 317 25.79 13.45 21.33
CA PRO A 317 25.63 14.87 21.61
C PRO A 317 25.37 15.19 23.09
N ASN A 318 24.63 14.31 23.78
CA ASN A 318 24.35 14.47 25.19
C ASN A 318 25.51 14.14 26.13
N GLY A 319 26.68 13.78 25.56
CA GLY A 319 27.91 13.54 26.30
C GLY A 319 28.23 12.08 26.59
N ARG A 320 27.20 11.22 26.62
CA ARG A 320 27.32 9.76 26.87
C ARG A 320 28.17 9.10 25.78
N ASP A 321 28.69 7.90 26.06
CA ASP A 321 29.35 7.07 25.07
C ASP A 321 28.32 6.56 24.06
N THR A 322 28.80 6.24 22.85
CA THR A 322 27.97 5.54 21.88
C THR A 322 27.80 4.14 22.42
N PRO A 323 26.70 3.43 22.09
CA PRO A 323 26.52 2.05 22.56
C PRO A 323 27.45 1.10 21.81
N ALA A 324 27.41 -0.19 22.18
CA ALA A 324 28.27 -1.22 21.60
C ALA A 324 28.11 -1.28 20.08
N LEU A 325 29.20 -1.07 19.33
CA LEU A 325 29.17 -1.10 17.88
C LEU A 325 30.07 -2.13 17.23
N PHE A 326 30.98 -2.70 18.02
CA PHE A 326 32.10 -3.50 17.51
C PHE A 326 32.20 -4.91 18.07
N ASN A 327 31.30 -5.28 18.97
CA ASN A 327 31.29 -6.58 19.61
C ASN A 327 30.78 -7.70 18.70
N PHE A 328 31.28 -7.75 17.46
CA PHE A 328 30.86 -8.74 16.48
C PHE A 328 31.17 -10.16 16.94
N THR A 329 30.31 -11.11 16.57
CA THR A 329 30.55 -12.54 16.74
C THR A 329 30.95 -13.14 15.40
N THR A 330 31.53 -14.35 15.44
CA THR A 330 31.98 -15.03 14.22
C THR A 330 30.76 -15.40 13.37
N GLN A 331 29.67 -15.81 14.04
CA GLN A 331 28.35 -15.96 13.44
C GLN A 331 28.00 -14.74 12.60
N GLU A 332 28.05 -13.57 13.24
CA GLU A 332 27.65 -12.29 12.64
C GLU A 332 28.54 -11.86 11.47
N LEU A 333 29.81 -12.28 11.49
CA LEU A 333 30.81 -11.91 10.48
C LEU A 333 30.94 -12.91 9.35
N SER A 334 30.29 -14.08 9.51
CA SER A 334 30.48 -15.23 8.61
C SER A 334 30.13 -14.92 7.16
N SER A 335 29.16 -14.04 6.95
CA SER A 335 28.91 -13.40 5.65
C SER A 335 30.22 -13.17 4.87
N ASN A 336 31.24 -12.61 5.55
CA ASN A 336 32.51 -12.18 4.93
C ASN A 336 33.52 -11.79 6.02
N PRO A 337 34.18 -12.77 6.69
CA PRO A 337 35.07 -12.48 7.83
C PRO A 337 36.16 -11.42 7.61
N PRO A 338 36.87 -11.40 6.46
CA PRO A 338 37.82 -10.32 6.16
C PRO A 338 37.35 -8.90 6.54
N LEU A 339 36.05 -8.61 6.47
CA LEU A 339 35.55 -7.27 6.81
C LEU A 339 35.82 -6.83 8.24
N ALA A 340 36.09 -7.79 9.13
CA ALA A 340 36.47 -7.52 10.52
C ALA A 340 37.57 -6.47 10.64
N THR A 341 38.50 -6.44 9.68
CA THR A 341 39.62 -5.49 9.69
C THR A 341 39.17 -4.04 9.51
N ILE A 342 38.01 -3.83 8.88
CA ILE A 342 37.38 -2.51 8.78
C ILE A 342 36.37 -2.28 9.89
N LEU A 343 35.59 -3.32 10.22
CA LEU A 343 34.48 -3.20 11.14
C LEU A 343 34.92 -3.00 12.57
N ILE A 344 36.00 -3.68 12.97
CA ILE A 344 36.55 -3.60 14.32
C ILE A 344 37.78 -2.68 14.31
N PRO A 345 37.63 -1.40 14.75
CA PRO A 345 38.68 -0.41 14.58
C PRO A 345 39.84 -0.68 15.53
N PRO A 346 41.05 -0.15 15.23
CA PRO A 346 42.24 -0.47 16.02
C PRO A 346 42.01 -0.33 17.54
N HIS A 347 41.36 0.77 17.95
CA HIS A 347 41.15 1.09 19.36
C HIS A 347 40.22 0.12 20.10
N ALA A 348 39.40 -0.61 19.33
CA ALA A 348 38.53 -1.65 19.84
C ALA A 348 39.29 -2.94 20.15
N ARG A 349 40.51 -3.04 19.64
CA ARG A 349 41.42 -4.21 19.82
C ARG A 349 42.50 -3.92 20.87
N ILE A 350 42.50 -2.73 21.49
CA ILE A 350 43.48 -2.38 22.51
C ILE A 350 43.27 -3.28 23.74
N GLN A 351 44.38 -3.61 24.40
CA GLN A 351 44.47 -4.63 25.45
C GLN A 351 45.02 -4.03 26.75
N VAL B 3 -4.90 34.85 -21.60
CA VAL B 3 -5.63 33.92 -22.51
C VAL B 3 -4.69 33.09 -23.36
N THR B 4 -4.74 31.76 -23.18
CA THR B 4 -4.01 30.80 -23.99
C THR B 4 -4.91 30.30 -25.12
N THR B 5 -4.33 30.19 -26.32
CA THR B 5 -5.04 29.64 -27.48
C THR B 5 -4.22 28.54 -28.14
N VAL B 6 -4.83 27.36 -28.26
CA VAL B 6 -4.22 26.19 -28.84
C VAL B 6 -5.10 25.70 -29.98
N VAL B 7 -4.54 24.85 -30.85
CA VAL B 7 -5.31 24.12 -31.85
C VAL B 7 -5.49 22.71 -31.29
N ALA B 8 -6.74 22.37 -30.96
CA ALA B 8 -7.05 21.17 -30.20
C ALA B 8 -8.06 20.28 -30.92
N THR B 9 -7.83 18.98 -30.84
CA THR B 9 -8.65 17.96 -31.49
C THR B 9 -9.79 17.56 -30.55
N PRO B 10 -11.06 17.60 -31.00
CA PRO B 10 -12.18 17.12 -30.19
C PRO B 10 -12.02 15.64 -29.82
N GLY B 11 -12.38 15.28 -28.59
CA GLY B 11 -12.16 13.94 -28.07
C GLY B 11 -12.91 12.88 -28.83
N GLN B 12 -14.20 13.14 -29.08
CA GLN B 12 -15.11 12.15 -29.66
C GLN B 12 -15.47 12.37 -31.14
N GLY B 13 -15.05 13.49 -31.71
CA GLY B 13 -15.36 13.80 -33.10
C GLY B 13 -14.39 13.10 -34.07
N PRO B 14 -14.49 13.39 -35.39
CA PRO B 14 -13.40 13.08 -36.33
C PRO B 14 -12.26 14.10 -36.15
N ASP B 15 -11.02 13.71 -36.49
CA ASP B 15 -9.84 14.51 -36.12
C ASP B 15 -9.78 15.82 -36.91
N ARG B 16 -10.55 16.82 -36.48
CA ARG B 16 -10.64 18.15 -37.13
C ARG B 16 -10.34 19.22 -36.08
N PRO B 17 -9.06 19.52 -35.81
CA PRO B 17 -8.71 20.45 -34.74
C PRO B 17 -9.32 21.83 -34.96
N GLN B 18 -9.70 22.51 -33.88
CA GLN B 18 -10.18 23.88 -33.91
C GLN B 18 -9.39 24.71 -32.92
N GLU B 19 -9.47 26.03 -33.08
CA GLU B 19 -8.79 26.97 -32.21
C GLU B 19 -9.59 27.13 -30.92
N VAL B 20 -9.04 26.60 -29.81
CA VAL B 20 -9.67 26.67 -28.49
C VAL B 20 -8.86 27.59 -27.58
N SER B 21 -9.55 28.55 -26.95
CA SER B 21 -8.94 29.52 -26.05
C SER B 21 -9.53 29.40 -24.66
N TYR B 22 -8.67 29.53 -23.63
CA TYR B 22 -9.06 29.42 -22.21
C TYR B 22 -8.26 30.40 -21.36
N THR B 23 -8.79 30.68 -20.15
CA THR B 23 -8.22 31.64 -19.23
C THR B 23 -8.39 31.15 -17.79
N ASP B 24 -7.92 31.97 -16.83
CA ASP B 24 -8.03 31.71 -15.38
C ASP B 24 -7.39 30.38 -14.98
N THR B 25 -6.22 30.09 -15.55
CA THR B 25 -5.56 28.81 -15.34
C THR B 25 -5.02 28.69 -13.91
N LYS B 26 -5.71 27.89 -13.10
CA LYS B 26 -5.26 27.51 -11.76
C LYS B 26 -4.38 26.27 -11.86
N VAL B 27 -3.97 25.73 -10.71
CA VAL B 27 -3.31 24.43 -10.64
C VAL B 27 -4.01 23.56 -9.58
N ILE B 28 -3.87 22.24 -9.75
CA ILE B 28 -4.37 21.24 -8.82
C ILE B 28 -3.45 20.01 -9.02
N GLY B 29 -3.92 18.84 -8.57
CA GLY B 29 -3.38 17.55 -8.99
C GLY B 29 -1.95 17.12 -8.69
N ASN B 30 -0.99 17.66 -9.46
CA ASN B 30 0.36 17.10 -9.64
C ASN B 30 0.77 15.88 -8.80
N GLY B 31 0.90 14.74 -9.48
CA GLY B 31 1.43 13.50 -8.93
C GLY B 31 2.14 12.71 -10.03
N SER B 32 2.05 11.37 -9.94
CA SER B 32 2.63 10.44 -10.91
C SER B 32 2.58 10.96 -12.36
N PHE B 33 1.38 10.90 -12.95
CA PHE B 33 1.08 11.39 -14.31
C PHE B 33 1.79 12.70 -14.67
N GLY B 34 1.69 13.70 -13.79
CA GLY B 34 2.09 15.06 -14.06
C GLY B 34 1.18 16.04 -13.35
N VAL B 35 0.83 17.15 -14.02
CA VAL B 35 0.04 18.25 -13.44
C VAL B 35 -1.41 18.27 -13.95
N VAL B 36 -2.31 18.78 -13.11
CA VAL B 36 -3.68 19.12 -13.50
C VAL B 36 -3.96 20.57 -13.21
N TYR B 37 -4.51 21.27 -14.21
CA TYR B 37 -4.93 22.69 -14.12
C TYR B 37 -6.45 22.76 -14.22
N GLN B 38 -7.03 23.84 -13.66
CA GLN B 38 -8.38 24.24 -13.97
C GLN B 38 -8.26 25.40 -14.95
N ALA B 39 -9.30 25.61 -15.77
CA ALA B 39 -9.36 26.71 -16.71
C ALA B 39 -10.81 27.01 -17.07
N LYS B 40 -11.02 28.20 -17.67
CA LYS B 40 -12.33 28.63 -18.16
C LYS B 40 -12.23 28.85 -19.66
N LEU B 41 -13.04 28.12 -20.42
CA LEU B 41 -13.11 28.25 -21.87
C LEU B 41 -13.71 29.60 -22.22
N CYS B 42 -13.00 30.39 -23.03
CA CYS B 42 -13.37 31.77 -23.33
C CYS B 42 -14.76 31.95 -23.94
N ASP B 43 -15.12 31.15 -24.94
CA ASP B 43 -16.43 31.30 -25.59
C ASP B 43 -17.56 30.88 -24.67
N SER B 44 -17.63 29.58 -24.36
CA SER B 44 -18.74 29.00 -23.59
C SER B 44 -18.75 29.39 -22.12
N GLY B 45 -17.58 29.81 -21.60
CA GLY B 45 -17.43 30.19 -20.20
C GLY B 45 -17.33 29.02 -19.25
N GLU B 46 -17.40 27.80 -19.79
CA GLU B 46 -17.39 26.56 -19.00
C GLU B 46 -16.02 26.31 -18.38
N LEU B 47 -16.02 25.63 -17.23
CA LEU B 47 -14.80 25.20 -16.54
C LEU B 47 -14.38 23.83 -17.06
N VAL B 48 -13.06 23.66 -17.19
CA VAL B 48 -12.47 22.40 -17.61
C VAL B 48 -11.26 22.13 -16.76
N ALA B 49 -10.86 20.86 -16.74
CA ALA B 49 -9.62 20.43 -16.12
C ALA B 49 -8.70 19.94 -17.24
N ILE B 50 -7.45 20.41 -17.22
CA ILE B 50 -6.44 20.02 -18.20
C ILE B 50 -5.42 19.13 -17.50
N LYS B 51 -5.42 17.84 -17.85
CA LYS B 51 -4.44 16.88 -17.35
C LYS B 51 -3.29 16.88 -18.34
N LYS B 52 -2.09 17.28 -17.88
CA LYS B 52 -0.88 17.36 -18.69
C LYS B 52 0.07 16.24 -18.29
N VAL B 53 0.44 15.39 -19.24
CA VAL B 53 1.36 14.28 -19.01
C VAL B 53 2.42 14.20 -20.11
N LEU B 54 3.56 13.58 -19.80
CA LEU B 54 4.67 13.43 -20.72
C LEU B 54 4.28 12.48 -21.84
N GLN B 55 4.49 12.88 -23.10
CA GLN B 55 4.17 12.05 -24.25
C GLN B 55 5.39 11.21 -24.65
N ASP B 56 5.17 9.90 -24.79
CA ASP B 56 6.20 8.95 -25.17
C ASP B 56 6.33 8.95 -26.69
N LYS B 57 7.58 9.08 -27.19
CA LYS B 57 7.85 9.14 -28.64
C LYS B 57 7.34 7.90 -29.40
N ARG B 58 7.75 6.72 -28.93
CA ARG B 58 7.42 5.40 -29.51
C ARG B 58 5.91 5.24 -29.64
N PHE B 59 5.21 5.12 -28.51
CA PHE B 59 3.80 4.70 -28.46
C PHE B 59 2.81 5.86 -28.50
N LYS B 60 1.55 5.52 -28.82
CA LYS B 60 0.41 6.40 -28.59
C LYS B 60 -0.02 6.20 -27.15
N ASN B 61 -0.48 7.28 -26.51
CA ASN B 61 -0.93 7.27 -25.12
C ASN B 61 -2.23 6.46 -24.94
N ARG B 62 -2.17 5.41 -24.12
CA ARG B 62 -3.28 4.42 -23.96
C ARG B 62 -4.51 5.08 -23.32
N GLU B 63 -4.30 5.99 -22.37
CA GLU B 63 -5.40 6.70 -21.72
C GLU B 63 -6.22 7.44 -22.77
N LEU B 64 -5.54 8.21 -23.62
CA LEU B 64 -6.16 8.93 -24.73
C LEU B 64 -6.96 7.98 -25.62
N GLN B 65 -6.31 6.91 -26.09
CA GLN B 65 -6.92 5.90 -26.96
C GLN B 65 -8.26 5.44 -26.36
N ILE B 66 -8.28 5.23 -25.04
CA ILE B 66 -9.45 4.75 -24.33
C ILE B 66 -10.51 5.86 -24.17
N MET B 67 -10.08 7.04 -23.71
CA MET B 67 -10.97 8.19 -23.53
C MET B 67 -11.83 8.50 -24.76
N ARG B 68 -11.21 8.46 -25.94
CA ARG B 68 -11.84 8.84 -27.23
C ARG B 68 -12.96 7.84 -27.58
N LYS B 69 -12.81 6.57 -27.20
CA LYS B 69 -13.80 5.54 -27.46
C LYS B 69 -15.04 5.59 -26.55
N LEU B 70 -14.97 6.37 -25.47
CA LEU B 70 -16.00 6.36 -24.42
C LEU B 70 -16.94 7.55 -24.53
N ASP B 71 -18.23 7.26 -24.30
CA ASP B 71 -19.29 8.27 -24.26
C ASP B 71 -20.41 7.78 -23.35
N HIS B 72 -20.46 8.32 -22.13
CA HIS B 72 -21.39 7.87 -21.09
C HIS B 72 -21.65 8.94 -20.03
N CYS B 73 -22.91 9.05 -19.61
CA CYS B 73 -23.33 10.07 -18.66
CA CYS B 73 -23.38 10.02 -18.62
C CYS B 73 -22.58 9.99 -17.32
N ASN B 74 -21.99 8.83 -17.03
CA ASN B 74 -21.24 8.59 -15.78
C ASN B 74 -19.73 8.37 -15.94
N ILE B 75 -19.15 9.05 -16.94
CA ILE B 75 -17.71 9.05 -17.20
C ILE B 75 -17.35 10.45 -17.67
N VAL B 76 -16.22 11.00 -17.18
CA VAL B 76 -15.82 12.36 -17.58
C VAL B 76 -15.60 12.39 -19.07
N ARG B 77 -16.06 13.48 -19.71
CA ARG B 77 -15.93 13.71 -21.17
C ARG B 77 -14.56 14.33 -21.44
N LEU B 78 -13.79 13.70 -22.34
CA LEU B 78 -12.64 14.31 -22.95
C LEU B 78 -13.17 15.28 -24.02
N ARG B 79 -13.13 16.58 -23.72
CA ARG B 79 -13.63 17.66 -24.62
C ARG B 79 -12.66 17.82 -25.80
N TYR B 80 -11.37 17.97 -25.50
CA TYR B 80 -10.28 18.17 -26.47
C TYR B 80 -9.01 17.50 -25.96
N PHE B 81 -8.04 17.31 -26.86
CA PHE B 81 -6.67 17.05 -26.51
C PHE B 81 -5.78 17.78 -27.48
N PHE B 82 -4.61 18.22 -26.98
CA PHE B 82 -3.60 18.92 -27.75
C PHE B 82 -2.24 18.62 -27.14
N TYR B 83 -1.17 18.88 -27.91
CA TYR B 83 0.24 18.68 -27.49
C TYR B 83 0.87 20.05 -27.25
N SER B 84 1.87 20.10 -26.35
CA SER B 84 2.59 21.33 -26.04
C SER B 84 3.86 21.03 -25.25
N SER B 85 4.62 22.09 -25.00
CA SER B 85 5.78 22.11 -24.10
C SER B 85 6.48 23.47 -24.20
N GLY B 86 7.57 23.60 -23.45
CA GLY B 86 8.41 24.79 -23.40
C GLY B 86 9.52 24.65 -22.37
N GLU B 87 9.15 24.19 -21.18
CA GLU B 87 10.08 23.95 -20.04
C GLU B 87 11.15 22.90 -20.37
N LYS B 88 10.78 21.61 -20.37
CA LYS B 88 11.66 20.52 -20.78
C LYS B 88 11.67 20.44 -22.31
N LYS B 89 12.62 21.16 -22.93
CA LYS B 89 12.63 21.40 -24.37
C LYS B 89 12.81 20.08 -25.12
N ASP B 90 12.19 20.02 -26.30
CA ASP B 90 11.98 18.77 -27.07
C ASP B 90 11.56 17.58 -26.19
N GLU B 91 10.67 17.87 -25.23
CA GLU B 91 9.88 16.84 -24.55
C GLU B 91 8.41 17.24 -24.71
N VAL B 92 7.65 16.41 -25.42
CA VAL B 92 6.24 16.68 -25.72
C VAL B 92 5.37 16.29 -24.54
N TYR B 93 4.39 17.14 -24.22
CA TYR B 93 3.32 16.88 -23.23
C TYR B 93 1.97 16.73 -23.96
N LEU B 94 1.22 15.66 -23.61
CA LEU B 94 -0.15 15.48 -24.02
C LEU B 94 -1.03 16.18 -22.99
N ASN B 95 -1.95 17.04 -23.47
CA ASN B 95 -2.90 17.74 -22.60
C ASN B 95 -4.31 17.24 -22.87
N LEU B 96 -4.95 16.66 -21.84
CA LEU B 96 -6.33 16.17 -21.92
C LEU B 96 -7.26 17.19 -21.27
N VAL B 97 -8.10 17.84 -22.09
CA VAL B 97 -9.07 18.83 -21.62
C VAL B 97 -10.36 18.09 -21.30
N LEU B 98 -10.75 18.12 -20.02
CA LEU B 98 -11.85 17.34 -19.49
C LEU B 98 -12.85 18.23 -18.79
N ASP B 99 -14.12 17.81 -18.77
CA ASP B 99 -15.16 18.47 -18.00
C ASP B 99 -14.68 18.53 -16.56
N TYR B 100 -14.71 19.73 -15.98
CA TYR B 100 -14.40 19.99 -14.54
C TYR B 100 -15.61 19.61 -13.69
N VAL B 101 -15.43 18.67 -12.74
CA VAL B 101 -16.46 18.26 -11.80
C VAL B 101 -15.94 18.57 -10.40
N PRO B 102 -16.66 19.39 -9.61
CA PRO B 102 -16.06 20.05 -8.44
C PRO B 102 -15.64 19.09 -7.30
N GLU B 103 -16.54 18.21 -6.86
CA GLU B 103 -16.31 17.33 -5.71
C GLU B 103 -15.91 15.92 -6.10
N THR B 104 -15.55 15.12 -5.08
CA THR B 104 -15.26 13.70 -5.23
C THR B 104 -15.89 12.93 -4.07
N VAL B 105 -16.21 11.66 -4.31
CA VAL B 105 -16.79 10.80 -3.29
C VAL B 105 -15.89 10.82 -2.07
N TYR B 106 -14.58 10.78 -2.29
CA TYR B 106 -13.54 10.80 -1.23
C TYR B 106 -13.78 11.98 -0.29
N ARG B 107 -13.82 13.19 -0.82
CA ARG B 107 -13.92 14.46 -0.04
C ARG B 107 -15.26 14.48 0.71
N VAL B 108 -16.35 14.12 0.02
CA VAL B 108 -17.68 14.08 0.62
C VAL B 108 -17.69 13.08 1.78
N ALA B 109 -17.28 11.85 1.50
CA ALA B 109 -17.25 10.79 2.52
C ALA B 109 -16.57 11.26 3.80
N ARG B 110 -15.47 12.00 3.63
CA ARG B 110 -14.57 12.44 4.74
C ARG B 110 -15.24 13.59 5.50
N HIS B 111 -16.02 14.44 4.82
CA HIS B 111 -16.81 15.48 5.48
C HIS B 111 -17.71 14.83 6.51
N TYR B 112 -18.51 13.85 6.07
CA TYR B 112 -19.46 13.09 6.92
C TYR B 112 -18.68 12.33 8.00
N SER B 113 -17.52 11.78 7.65
CA SER B 113 -16.70 11.01 8.57
C SER B 113 -16.18 11.89 9.72
N ARG B 114 -15.57 13.02 9.37
CA ARG B 114 -15.06 14.05 10.32
C ARG B 114 -16.19 14.46 11.28
N ALA B 115 -17.38 14.71 10.76
CA ALA B 115 -18.52 15.16 11.56
C ALA B 115 -19.25 14.02 12.29
N LYS B 116 -18.64 12.82 12.32
CA LYS B 116 -19.20 11.63 12.99
C LYS B 116 -20.58 11.18 12.44
N GLN B 117 -20.88 11.58 11.19
CA GLN B 117 -22.11 11.22 10.49
C GLN B 117 -21.78 10.12 9.49
N THR B 118 -22.84 9.47 8.97
CA THR B 118 -22.73 8.66 7.76
C THR B 118 -23.55 9.33 6.67
N LEU B 119 -23.08 9.18 5.43
CA LEU B 119 -23.75 9.70 4.25
C LEU B 119 -25.15 9.12 4.18
N PRO B 120 -26.22 9.96 4.07
CA PRO B 120 -27.57 9.45 3.87
C PRO B 120 -27.62 8.38 2.77
N VAL B 121 -28.33 7.28 3.06
CA VAL B 121 -28.38 6.10 2.21
C VAL B 121 -28.82 6.43 0.78
N ILE B 122 -29.63 7.48 0.62
CA ILE B 122 -30.08 7.91 -0.69
C ILE B 122 -28.90 8.27 -1.60
N TYR B 123 -27.92 8.98 -1.05
CA TYR B 123 -26.68 9.39 -1.75
C TYR B 123 -25.80 8.15 -2.01
N VAL B 124 -25.76 7.21 -1.05
CA VAL B 124 -25.05 5.95 -1.20
C VAL B 124 -25.59 5.22 -2.43
N LYS B 125 -26.92 5.15 -2.54
CA LYS B 125 -27.61 4.53 -3.66
C LYS B 125 -27.29 5.20 -5.00
N LEU B 126 -27.49 6.52 -5.05
CA LEU B 126 -27.22 7.31 -6.25
C LEU B 126 -25.80 7.11 -6.78
N TYR B 127 -24.81 7.24 -5.89
CA TYR B 127 -23.37 7.20 -6.26
C TYR B 127 -23.01 5.78 -6.73
N MET B 128 -23.40 4.75 -5.96
CA MET B 128 -23.05 3.38 -6.28
C MET B 128 -23.67 2.89 -7.59
N TYR B 129 -24.95 3.20 -7.81
CA TYR B 129 -25.70 2.86 -9.04
C TYR B 129 -24.95 3.46 -10.25
N GLN B 130 -24.70 4.76 -10.21
CA GLN B 130 -24.00 5.47 -11.28
C GLN B 130 -22.61 4.89 -11.56
N LEU B 131 -21.91 4.46 -10.51
CA LEU B 131 -20.61 3.80 -10.67
C LEU B 131 -20.78 2.50 -11.43
N PHE B 132 -21.75 1.67 -10.99
CA PHE B 132 -21.98 0.38 -11.62
C PHE B 132 -22.36 0.52 -13.11
N ARG B 133 -23.12 1.57 -13.43
CA ARG B 133 -23.45 1.90 -14.84
C ARG B 133 -22.16 2.19 -15.61
N SER B 134 -21.25 2.99 -15.04
CA SER B 134 -20.01 3.35 -15.71
C SER B 134 -19.15 2.09 -15.95
N LEU B 135 -19.16 1.17 -14.98
CA LEU B 135 -18.45 -0.10 -15.09
C LEU B 135 -19.10 -1.00 -16.13
N ALA B 136 -20.44 -1.11 -16.08
CA ALA B 136 -21.22 -1.87 -17.07
C ALA B 136 -20.85 -1.47 -18.50
N TYR B 137 -20.78 -0.16 -18.73
CA TYR B 137 -20.42 0.44 -20.04
C TYR B 137 -18.99 0.04 -20.42
N ILE B 138 -17.98 0.43 -19.64
CA ILE B 138 -16.59 0.18 -20.03
C ILE B 138 -16.31 -1.32 -20.13
N HIS B 139 -16.89 -2.12 -19.23
CA HIS B 139 -16.69 -3.57 -19.26
C HIS B 139 -17.21 -4.16 -20.58
N SER B 140 -18.27 -3.56 -21.13
CA SER B 140 -18.85 -4.01 -22.38
C SER B 140 -17.87 -3.92 -23.58
N PHE B 141 -16.89 -3.03 -23.48
CA PHE B 141 -15.79 -2.94 -24.45
C PHE B 141 -14.60 -3.82 -24.05
N GLY B 142 -14.74 -4.58 -22.97
CA GLY B 142 -13.63 -5.33 -22.38
C GLY B 142 -12.53 -4.50 -21.73
N ILE B 143 -12.87 -3.26 -21.33
CA ILE B 143 -11.98 -2.34 -20.65
C ILE B 143 -12.21 -2.39 -19.14
N CYS B 144 -11.14 -2.68 -18.40
CA CYS B 144 -11.13 -2.69 -16.94
C CYS B 144 -10.43 -1.41 -16.51
N HIS B 145 -11.00 -0.74 -15.50
CA HIS B 145 -10.45 0.52 -14.98
C HIS B 145 -9.16 0.25 -14.19
N ARG B 146 -9.23 -0.72 -13.28
CA ARG B 146 -8.08 -1.30 -12.52
C ARG B 146 -7.60 -0.35 -11.41
N ASP B 147 -8.33 0.74 -11.15
CA ASP B 147 -8.04 1.59 -10.00
C ASP B 147 -9.29 2.35 -9.52
N ILE B 148 -10.35 1.58 -9.26
CA ILE B 148 -11.56 2.12 -8.69
C ILE B 148 -11.30 2.44 -7.22
N LYS B 149 -11.53 3.70 -6.85
CA LYS B 149 -11.42 4.19 -5.49
C LYS B 149 -12.15 5.52 -5.37
N PRO B 150 -12.54 5.96 -4.15
CA PRO B 150 -13.32 7.19 -3.96
C PRO B 150 -12.74 8.45 -4.61
N GLN B 151 -11.43 8.57 -4.71
CA GLN B 151 -10.80 9.76 -5.31
C GLN B 151 -11.08 9.88 -6.81
N ASN B 152 -11.33 8.74 -7.46
CA ASN B 152 -11.66 8.68 -8.88
C ASN B 152 -13.14 8.79 -9.21
N LEU B 153 -13.98 9.02 -8.19
CA LEU B 153 -15.42 9.17 -8.35
C LEU B 153 -15.80 10.62 -8.11
N LEU B 154 -15.93 11.38 -9.21
CA LEU B 154 -16.26 12.81 -9.18
C LEU B 154 -17.76 13.01 -9.02
N LEU B 155 -18.13 14.05 -8.29
CA LEU B 155 -19.52 14.38 -7.96
C LEU B 155 -19.78 15.84 -8.25
N ASP B 156 -20.94 16.12 -8.85
CA ASP B 156 -21.49 17.45 -8.86
C ASP B 156 -22.52 17.44 -7.73
N PRO B 157 -22.32 18.23 -6.65
CA PRO B 157 -23.16 18.12 -5.46
C PRO B 157 -24.63 18.50 -5.73
N ASP B 158 -24.87 19.45 -6.63
CA ASP B 158 -26.21 19.95 -6.92
C ASP B 158 -27.09 18.94 -7.65
N THR B 159 -26.52 18.29 -8.67
CA THR B 159 -27.24 17.36 -9.53
C THR B 159 -27.18 15.90 -9.08
N ALA B 160 -26.26 15.58 -8.16
CA ALA B 160 -26.02 14.23 -7.64
C ALA B 160 -25.42 13.29 -8.68
N VAL B 161 -24.87 13.88 -9.73
CA VAL B 161 -24.28 13.15 -10.85
C VAL B 161 -22.89 12.70 -10.45
N LEU B 162 -22.59 11.42 -10.71
CA LEU B 162 -21.28 10.82 -10.47
C LEU B 162 -20.63 10.54 -11.81
N LYS B 163 -19.30 10.71 -11.87
CA LYS B 163 -18.52 10.49 -13.08
C LYS B 163 -17.20 9.83 -12.77
N LEU B 164 -17.00 8.62 -13.33
CA LEU B 164 -15.73 7.90 -13.24
C LEU B 164 -14.66 8.64 -14.00
N CYS B 165 -13.47 8.74 -13.41
CA CYS B 165 -12.32 9.43 -14.00
C CYS B 165 -11.01 8.70 -13.72
N ASP B 166 -9.92 9.24 -14.27
CA ASP B 166 -8.57 8.67 -14.17
C ASP B 166 -8.48 7.29 -14.80
N PHE B 167 -8.28 7.27 -16.13
CA PHE B 167 -8.14 6.03 -16.89
C PHE B 167 -6.67 5.73 -17.20
N GLY B 168 -5.76 6.39 -16.47
CA GLY B 168 -4.34 6.14 -16.52
C GLY B 168 -3.91 4.68 -16.35
N SER B 169 -4.72 3.89 -15.63
CA SER B 169 -4.46 2.45 -15.40
C SER B 169 -5.34 1.53 -16.24
N ALA B 170 -6.31 2.10 -16.96
CA ALA B 170 -7.33 1.32 -17.66
C ALA B 170 -6.71 0.59 -18.83
N LYS B 171 -7.28 -0.58 -19.14
CA LYS B 171 -6.77 -1.45 -20.18
C LYS B 171 -7.75 -2.52 -20.64
N GLN B 172 -7.72 -2.83 -21.93
CA GLN B 172 -8.53 -3.87 -22.50
C GLN B 172 -7.96 -5.22 -22.07
N LEU B 173 -8.72 -5.96 -21.25
CA LEU B 173 -8.31 -7.28 -20.78
C LEU B 173 -8.80 -8.35 -21.75
N VAL B 174 -7.85 -9.06 -22.37
CA VAL B 174 -8.12 -10.05 -23.40
C VAL B 174 -7.74 -11.46 -22.91
N ARG B 175 -8.74 -12.35 -22.82
CA ARG B 175 -8.58 -13.73 -22.27
C ARG B 175 -7.32 -14.35 -22.89
N GLY B 176 -6.43 -14.89 -22.04
CA GLY B 176 -5.20 -15.50 -22.48
C GLY B 176 -3.96 -14.64 -22.33
N GLU B 177 -4.11 -13.32 -22.52
CA GLU B 177 -3.01 -12.37 -22.35
C GLU B 177 -2.80 -12.01 -20.88
N PRO B 178 -1.56 -12.03 -20.35
CA PRO B 178 -1.32 -11.73 -18.94
C PRO B 178 -1.28 -10.23 -18.66
N ASN B 179 -1.62 -9.82 -17.43
CA ASN B 179 -1.60 -8.42 -17.03
C ASN B 179 -0.96 -8.20 -15.69
N VAL B 180 -0.28 -7.05 -15.53
CA VAL B 180 0.47 -6.72 -14.33
C VAL B 180 -0.45 -6.74 -13.12
N SER B 181 0.05 -7.30 -12.01
CA SER B 181 -0.75 -7.44 -10.80
C SER B 181 -0.49 -6.33 -9.78
N TYR B 182 0.24 -5.27 -10.18
CA TYR B 182 0.64 -4.16 -9.29
C TYR B 182 -0.21 -2.91 -9.56
N ILE B 183 -1.39 -3.10 -10.16
CA ILE B 183 -2.33 -2.01 -10.41
C ILE B 183 -3.29 -1.99 -9.21
N CYS B 184 -4.09 -0.93 -9.11
CA CYS B 184 -5.10 -0.79 -8.07
C CYS B 184 -4.55 -0.39 -6.69
N SER B 185 -5.32 0.48 -6.04
CA SER B 185 -4.88 1.18 -4.84
C SER B 185 -5.21 0.39 -3.61
N ARG B 186 -4.32 0.51 -2.61
CA ARG B 186 -4.34 -0.04 -1.22
C ARG B 186 -5.57 -0.88 -0.86
N TYR B 187 -6.66 -0.24 -0.42
CA TYR B 187 -7.79 -0.86 0.32
C TYR B 187 -8.79 -1.54 -0.63
N TYR B 188 -8.61 -1.27 -1.93
CA TYR B 188 -9.57 -1.52 -3.03
C TYR B 188 -9.07 -2.67 -3.92
N ARG B 189 -7.90 -3.24 -3.58
CA ARG B 189 -7.27 -4.34 -4.34
C ARG B 189 -8.04 -5.63 -4.05
N ALA B 190 -8.41 -6.35 -5.12
CA ALA B 190 -9.06 -7.64 -5.01
C ALA B 190 -8.06 -8.67 -4.53
N PRO B 191 -8.51 -9.73 -3.81
CA PRO B 191 -7.60 -10.76 -3.31
C PRO B 191 -6.67 -11.31 -4.38
N GLU B 192 -7.21 -11.63 -5.57
CA GLU B 192 -6.41 -12.16 -6.66
C GLU B 192 -5.22 -11.27 -7.04
N LEU B 193 -5.40 -9.95 -6.92
CA LEU B 193 -4.32 -8.99 -7.16
C LEU B 193 -3.25 -9.08 -6.06
N ILE B 194 -3.69 -9.22 -4.80
CA ILE B 194 -2.81 -9.35 -3.66
C ILE B 194 -1.97 -10.62 -3.82
N PHE B 195 -2.61 -11.71 -4.24
CA PHE B 195 -1.93 -12.97 -4.51
C PHE B 195 -1.12 -12.95 -5.82
N GLY B 196 -1.00 -11.77 -6.44
CA GLY B 196 -0.16 -11.58 -7.62
C GLY B 196 -0.62 -12.20 -8.93
N ALA B 197 -1.89 -12.63 -8.99
CA ALA B 197 -2.49 -13.18 -10.20
C ALA B 197 -2.34 -12.22 -11.37
N THR B 198 -2.02 -12.76 -12.55
CA THR B 198 -1.95 -11.97 -13.80
C THR B 198 -2.99 -12.37 -14.85
N ASP B 199 -3.89 -13.28 -14.47
CA ASP B 199 -4.97 -13.75 -15.33
C ASP B 199 -6.34 -13.22 -14.86
N TYR B 200 -6.33 -12.10 -14.13
CA TYR B 200 -7.53 -11.49 -13.52
C TYR B 200 -8.45 -10.95 -14.63
N THR B 201 -9.73 -10.72 -14.29
CA THR B 201 -10.75 -10.22 -15.22
C THR B 201 -11.24 -8.85 -14.76
N SER B 202 -12.32 -8.36 -15.38
CA SER B 202 -12.91 -7.09 -14.99
C SER B 202 -13.55 -7.09 -13.61
N SER B 203 -13.74 -8.28 -13.02
CA SER B 203 -14.34 -8.40 -11.71
C SER B 203 -13.49 -7.82 -10.58
N ILE B 204 -12.24 -7.44 -10.87
CA ILE B 204 -11.44 -6.69 -9.90
C ILE B 204 -12.08 -5.32 -9.61
N ASP B 205 -12.64 -4.70 -10.65
CA ASP B 205 -13.38 -3.44 -10.52
C ASP B 205 -14.61 -3.62 -9.62
N VAL B 206 -15.25 -4.79 -9.72
CA VAL B 206 -16.43 -5.09 -8.91
C VAL B 206 -16.05 -5.23 -7.44
N TRP B 207 -14.96 -5.93 -7.17
CA TRP B 207 -14.43 -6.04 -5.81
C TRP B 207 -14.19 -4.63 -5.24
N SER B 208 -13.53 -3.79 -6.03
CA SER B 208 -13.19 -2.42 -5.64
C SER B 208 -14.44 -1.60 -5.37
N ALA B 209 -15.44 -1.72 -6.25
CA ALA B 209 -16.73 -1.07 -6.06
C ALA B 209 -17.34 -1.47 -4.72
N GLY B 210 -17.34 -2.78 -4.42
CA GLY B 210 -17.80 -3.30 -3.15
C GLY B 210 -17.09 -2.68 -1.94
N CYS B 211 -15.76 -2.51 -2.06
CA CYS B 211 -14.97 -1.84 -1.03
C CYS B 211 -15.42 -0.39 -0.80
N VAL B 212 -15.85 0.28 -1.87
CA VAL B 212 -16.39 1.64 -1.81
C VAL B 212 -17.77 1.66 -1.15
N LEU B 213 -18.63 0.70 -1.48
CA LEU B 213 -19.95 0.61 -0.87
C LEU B 213 -19.80 0.43 0.64
N ALA B 214 -19.10 -0.62 1.04
CA ALA B 214 -18.88 -0.94 2.45
C ALA B 214 -18.36 0.27 3.20
N GLU B 215 -17.48 1.03 2.55
CA GLU B 215 -16.83 2.20 3.15
C GLU B 215 -17.78 3.37 3.39
N LEU B 216 -18.65 3.63 2.41
CA LEU B 216 -19.70 4.63 2.55
C LEU B 216 -20.67 4.23 3.65
N LEU B 217 -20.91 2.93 3.80
CA LEU B 217 -21.77 2.40 4.85
C LEU B 217 -21.08 2.52 6.22
N LEU B 218 -19.87 1.95 6.32
CA LEU B 218 -19.09 1.97 7.58
C LEU B 218 -18.63 3.34 8.06
N GLY B 219 -18.29 4.23 7.12
CA GLY B 219 -17.68 5.51 7.43
C GLY B 219 -16.16 5.46 7.47
N GLN B 220 -15.59 4.33 7.03
CA GLN B 220 -14.15 4.13 6.97
C GLN B 220 -13.83 2.88 6.15
N PRO B 221 -12.59 2.73 5.63
CA PRO B 221 -12.25 1.60 4.77
C PRO B 221 -12.51 0.23 5.43
N ILE B 222 -13.13 -0.70 4.70
CA ILE B 222 -13.42 -2.04 5.26
C ILE B 222 -12.19 -2.96 5.36
N PHE B 223 -11.31 -2.94 4.36
CA PHE B 223 -10.12 -3.81 4.33
C PHE B 223 -8.81 -3.03 4.33
N PRO B 224 -8.49 -2.31 5.43
CA PRO B 224 -7.26 -1.52 5.51
C PRO B 224 -6.02 -2.39 5.81
N GLY B 225 -4.83 -1.80 5.67
CA GLY B 225 -3.59 -2.49 5.89
C GLY B 225 -2.52 -1.86 5.04
N ASP B 226 -1.31 -1.71 5.60
CA ASP B 226 -0.18 -1.14 4.89
C ASP B 226 0.57 -2.19 4.06
N SER B 227 0.28 -3.48 4.34
CA SER B 227 0.83 -4.60 3.58
C SER B 227 -0.31 -5.50 3.11
N GLY B 228 -0.02 -6.30 2.07
CA GLY B 228 -0.96 -7.29 1.55
C GLY B 228 -1.37 -8.26 2.64
N VAL B 229 -0.36 -8.69 3.41
CA VAL B 229 -0.57 -9.54 4.58
C VAL B 229 -1.68 -8.97 5.46
N ASP B 230 -1.53 -7.69 5.85
CA ASP B 230 -2.48 -7.04 6.74
C ASP B 230 -3.89 -6.90 6.12
N GLN B 231 -3.94 -6.65 4.81
CA GLN B 231 -5.19 -6.53 4.09
C GLN B 231 -5.94 -7.87 4.08
N LEU B 232 -5.22 -8.96 3.78
CA LEU B 232 -5.79 -10.31 3.75
C LEU B 232 -6.35 -10.74 5.10
N VAL B 233 -5.66 -10.36 6.18
CA VAL B 233 -6.12 -10.64 7.53
C VAL B 233 -7.49 -10.02 7.76
N GLU B 234 -7.64 -8.75 7.36
CA GLU B 234 -8.90 -8.03 7.47
C GLU B 234 -10.00 -8.67 6.63
N ILE B 235 -9.64 -9.08 5.41
CA ILE B 235 -10.55 -9.74 4.48
C ILE B 235 -11.03 -11.07 5.07
N ILE B 236 -10.09 -11.83 5.63
CA ILE B 236 -10.38 -13.14 6.24
C ILE B 236 -11.25 -12.99 7.50
N LYS B 237 -11.01 -11.93 8.28
CA LYS B 237 -11.83 -11.62 9.44
C LYS B 237 -13.30 -11.44 9.10
N VAL B 238 -13.59 -11.01 7.86
CA VAL B 238 -14.95 -10.76 7.41
C VAL B 238 -15.50 -11.96 6.64
N LEU B 239 -14.83 -12.34 5.55
CA LEU B 239 -15.29 -13.38 4.65
C LEU B 239 -15.06 -14.78 5.19
N GLY B 240 -14.12 -14.91 6.12
CA GLY B 240 -13.67 -16.20 6.61
C GLY B 240 -12.49 -16.66 5.78
N THR B 241 -11.86 -17.75 6.22
CA THR B 241 -10.73 -18.33 5.54
C THR B 241 -11.17 -18.91 4.21
N PRO B 242 -10.48 -18.58 3.09
CA PRO B 242 -10.87 -19.08 1.78
C PRO B 242 -10.55 -20.57 1.58
N THR B 243 -11.50 -21.34 1.05
CA THR B 243 -11.30 -22.76 0.77
C THR B 243 -10.19 -22.93 -0.27
N ARG B 244 -9.64 -24.14 -0.34
CA ARG B 244 -8.58 -24.49 -1.32
C ARG B 244 -9.14 -24.31 -2.73
N GLU B 245 -10.45 -24.53 -2.89
CA GLU B 245 -11.16 -24.21 -4.13
C GLU B 245 -11.06 -22.71 -4.44
N GLN B 246 -11.55 -21.88 -3.52
CA GLN B 246 -11.53 -20.42 -3.67
C GLN B 246 -10.12 -19.89 -3.88
N ILE B 247 -9.15 -20.46 -3.17
CA ILE B 247 -7.75 -20.08 -3.28
C ILE B 247 -7.22 -20.33 -4.69
N ARG B 248 -7.57 -21.47 -5.28
CA ARG B 248 -7.16 -21.84 -6.66
C ARG B 248 -7.88 -20.92 -7.65
N GLU B 249 -9.12 -20.52 -7.33
CA GLU B 249 -9.93 -19.60 -8.15
C GLU B 249 -9.28 -18.22 -8.34
N MET B 250 -8.71 -17.69 -7.26
CA MET B 250 -8.04 -16.35 -7.29
C MET B 250 -6.63 -16.51 -7.86
N ASN B 251 -5.71 -17.09 -7.07
CA ASN B 251 -4.31 -17.30 -7.50
C ASN B 251 -4.02 -18.80 -7.56
N PRO B 252 -3.86 -19.41 -8.77
CA PRO B 252 -3.58 -20.83 -8.89
C PRO B 252 -2.11 -21.16 -8.55
N ASN B 253 -1.52 -20.40 -7.63
CA ASN B 253 -0.12 -20.62 -7.22
C ASN B 253 0.21 -20.46 -5.73
N TYR B 254 -0.80 -20.30 -4.87
CA TYR B 254 -0.64 -20.13 -3.39
C TYR B 254 -1.66 -21.01 -2.65
N THR B 255 -1.62 -22.33 -2.83
CA THR B 255 -2.47 -23.28 -2.08
C THR B 255 -1.87 -23.57 -0.68
N GLU B 256 -2.67 -23.28 0.35
CA GLU B 256 -2.31 -23.40 1.78
C GLU B 256 -1.48 -22.22 2.28
N PHE B 257 -0.36 -21.93 1.58
CA PHE B 257 0.48 -20.74 1.78
C PHE B 257 0.00 -19.75 2.85
N LYS B 258 -0.02 -20.19 4.12
CA LYS B 258 -0.35 -19.39 5.32
C LYS B 258 -1.83 -19.53 5.75
N PHE B 259 -2.51 -18.39 5.97
CA PHE B 259 -3.92 -18.26 6.38
C PHE B 259 -4.36 -18.95 7.69
N PRO B 260 -4.44 -18.20 8.81
CA PRO B 260 -5.09 -18.73 10.02
C PRO B 260 -6.57 -19.03 9.74
N GLN B 261 -7.10 -20.12 10.32
CA GLN B 261 -8.48 -20.56 10.08
C GLN B 261 -9.52 -19.79 10.91
N ILE B 262 -10.05 -18.71 10.33
CA ILE B 262 -11.11 -17.91 10.95
C ILE B 262 -12.44 -18.12 10.21
N LYS B 263 -13.52 -18.25 10.98
CA LYS B 263 -14.87 -18.40 10.45
C LYS B 263 -15.41 -17.04 10.04
N ALA B 264 -16.46 -17.05 9.19
CA ALA B 264 -17.08 -15.84 8.67
C ALA B 264 -17.79 -15.03 9.76
N HIS B 265 -17.41 -13.76 9.89
CA HIS B 265 -18.12 -12.80 10.73
C HIS B 265 -19.44 -12.50 10.01
N PRO B 266 -20.62 -12.79 10.62
CA PRO B 266 -21.89 -12.57 9.94
C PRO B 266 -22.03 -11.12 9.45
N TRP B 267 -22.13 -10.95 8.13
CA TRP B 267 -22.20 -9.65 7.47
C TRP B 267 -23.06 -8.61 8.20
N THR B 268 -24.14 -9.07 8.86
CA THR B 268 -25.03 -8.20 9.65
C THR B 268 -24.29 -7.56 10.82
N LYS B 269 -23.41 -8.34 11.46
CA LYS B 269 -22.60 -7.90 12.58
C LYS B 269 -21.39 -7.03 12.18
N VAL B 270 -21.16 -6.88 10.88
CA VAL B 270 -20.10 -6.02 10.34
C VAL B 270 -20.48 -4.53 10.34
N PHE B 271 -21.77 -4.26 10.09
CA PHE B 271 -22.25 -2.90 9.92
C PHE B 271 -23.06 -2.39 11.13
N ARG B 272 -23.18 -1.06 11.22
CA ARG B 272 -24.02 -0.32 12.20
C ARG B 272 -25.41 -0.94 12.22
N PRO B 273 -26.09 -1.08 13.38
CA PRO B 273 -27.26 -1.96 13.50
C PRO B 273 -28.45 -1.70 12.56
N ARG B 274 -28.70 -0.44 12.19
CA ARG B 274 -29.88 -0.07 11.35
C ARG B 274 -29.44 0.17 9.89
N THR B 275 -28.32 -0.42 9.48
CA THR B 275 -27.90 -0.45 8.08
C THR B 275 -28.94 -1.22 7.29
N PRO B 276 -29.45 -0.69 6.15
CA PRO B 276 -30.41 -1.42 5.32
C PRO B 276 -29.90 -2.82 4.95
N PRO B 277 -30.71 -3.88 5.13
CA PRO B 277 -30.31 -5.24 4.76
C PRO B 277 -29.91 -5.41 3.27
N GLU B 278 -30.58 -4.67 2.38
CA GLU B 278 -30.30 -4.76 0.95
C GLU B 278 -28.85 -4.35 0.66
N ALA B 279 -28.41 -3.27 1.32
CA ALA B 279 -27.05 -2.79 1.23
C ALA B 279 -26.07 -3.90 1.63
N ILE B 280 -26.38 -4.57 2.74
CA ILE B 280 -25.55 -5.65 3.26
C ILE B 280 -25.52 -6.84 2.28
N ALA B 281 -26.70 -7.23 1.79
CA ALA B 281 -26.83 -8.28 0.79
C ALA B 281 -25.91 -8.01 -0.42
N LEU B 282 -26.07 -6.81 -1.01
CA LEU B 282 -25.28 -6.38 -2.15
C LEU B 282 -23.77 -6.51 -1.89
N CYS B 283 -23.31 -6.01 -0.74
CA CYS B 283 -21.91 -6.13 -0.33
C CYS B 283 -21.41 -7.56 -0.45
N SER B 284 -22.15 -8.49 0.16
CA SER B 284 -21.73 -9.88 0.24
C SER B 284 -21.61 -10.53 -1.13
N ARG B 285 -22.37 -10.01 -2.10
CA ARG B 285 -22.43 -10.49 -3.51
C ARG B 285 -21.40 -9.74 -4.38
N LEU B 286 -20.82 -8.66 -3.87
CA LEU B 286 -19.71 -7.97 -4.54
C LEU B 286 -18.37 -8.50 -4.02
N LEU B 287 -18.24 -8.51 -2.69
CA LEU B 287 -17.03 -8.93 -2.00
C LEU B 287 -17.00 -10.44 -1.80
N GLU B 288 -16.75 -11.16 -2.91
CA GLU B 288 -16.61 -12.61 -2.95
C GLU B 288 -15.19 -12.96 -3.35
N TYR B 289 -14.64 -14.01 -2.76
CA TYR B 289 -13.29 -14.55 -3.08
C TYR B 289 -13.24 -14.94 -4.57
N THR B 290 -14.10 -15.88 -4.97
CA THR B 290 -14.14 -16.37 -6.34
C THR B 290 -14.55 -15.27 -7.31
N PRO B 291 -13.63 -14.79 -8.19
CA PRO B 291 -13.93 -13.68 -9.11
C PRO B 291 -15.19 -13.85 -9.97
N THR B 292 -15.46 -15.08 -10.44
CA THR B 292 -16.63 -15.37 -11.26
C THR B 292 -17.94 -15.33 -10.47
N ALA B 293 -17.85 -15.44 -9.14
CA ALA B 293 -19.02 -15.45 -8.26
C ALA B 293 -19.61 -14.07 -7.97
N ARG B 294 -18.85 -13.01 -8.27
CA ARG B 294 -19.25 -11.61 -7.98
C ARG B 294 -20.30 -11.19 -9.01
N LEU B 295 -21.28 -10.37 -8.61
CA LEU B 295 -22.24 -9.81 -9.54
C LEU B 295 -21.50 -9.08 -10.65
N THR B 296 -22.13 -9.01 -11.82
CA THR B 296 -21.69 -8.14 -12.89
C THR B 296 -22.14 -6.73 -12.51
N PRO B 297 -21.50 -5.68 -13.06
CA PRO B 297 -21.97 -4.31 -12.85
C PRO B 297 -23.47 -4.16 -13.17
N LEU B 298 -23.90 -4.70 -14.31
CA LEU B 298 -25.29 -4.59 -14.76
C LEU B 298 -26.24 -5.30 -13.82
N GLU B 299 -25.83 -6.48 -13.33
CA GLU B 299 -26.57 -7.22 -12.30
C GLU B 299 -26.70 -6.42 -11.01
N ALA B 300 -25.64 -5.66 -10.67
CA ALA B 300 -25.64 -4.83 -9.49
C ALA B 300 -26.67 -3.68 -9.61
N CYS B 301 -26.68 -3.00 -10.76
CA CYS B 301 -27.66 -1.93 -11.03
C CYS B 301 -29.10 -2.39 -10.76
N ALA B 302 -29.41 -3.63 -11.16
CA ALA B 302 -30.72 -4.23 -10.99
C ALA B 302 -31.00 -4.79 -9.58
N HIS B 303 -30.00 -4.76 -8.70
CA HIS B 303 -30.14 -5.24 -7.32
C HIS B 303 -31.20 -4.42 -6.60
N SER B 304 -31.89 -5.06 -5.65
CA SER B 304 -33.02 -4.45 -4.94
C SER B 304 -32.63 -3.24 -4.07
N PHE B 305 -31.36 -3.18 -3.66
CA PHE B 305 -30.81 -2.04 -2.94
C PHE B 305 -31.04 -0.71 -3.69
N PHE B 306 -31.18 -0.78 -5.03
CA PHE B 306 -31.43 0.41 -5.86
C PHE B 306 -32.89 0.65 -6.26
N ASP B 307 -33.81 -0.12 -5.65
CA ASP B 307 -35.25 -0.01 -5.96
C ASP B 307 -35.80 1.39 -5.74
N GLU B 308 -35.35 2.05 -4.67
CA GLU B 308 -35.80 3.40 -4.37
C GLU B 308 -35.51 4.37 -5.52
N LEU B 309 -34.41 4.17 -6.24
CA LEU B 309 -34.07 5.04 -7.35
C LEU B 309 -35.06 4.90 -8.51
N ARG B 310 -35.70 3.73 -8.59
CA ARG B 310 -36.65 3.37 -9.68
C ARG B 310 -38.08 3.81 -9.30
N ASP B 311 -38.29 4.18 -8.02
CA ASP B 311 -39.56 4.74 -7.58
C ASP B 311 -39.81 6.06 -8.31
N PRO B 312 -41.02 6.28 -8.86
CA PRO B 312 -41.31 7.50 -9.63
C PRO B 312 -41.33 8.78 -8.79
N ASN B 313 -41.60 8.67 -7.50
CA ASN B 313 -41.69 9.84 -6.61
C ASN B 313 -40.38 10.29 -5.97
N VAL B 314 -39.31 9.50 -6.17
CA VAL B 314 -38.00 9.80 -5.60
C VAL B 314 -37.50 11.16 -6.09
N LYS B 315 -37.01 11.98 -5.15
CA LYS B 315 -36.42 13.29 -5.43
C LYS B 315 -35.13 13.44 -4.64
N LEU B 316 -34.28 14.38 -5.03
CA LEU B 316 -33.07 14.69 -4.26
C LEU B 316 -33.46 15.41 -2.96
N PRO B 317 -32.68 15.25 -1.87
CA PRO B 317 -32.93 16.01 -0.64
C PRO B 317 -33.01 17.53 -0.87
N ASN B 318 -32.23 18.06 -1.81
CA ASN B 318 -32.28 19.48 -2.15
C ASN B 318 -33.50 19.91 -2.98
N GLY B 319 -34.40 18.97 -3.28
CA GLY B 319 -35.66 19.24 -3.97
C GLY B 319 -35.69 18.94 -5.45
N ARG B 320 -34.52 18.97 -6.09
CA ARG B 320 -34.33 18.68 -7.53
C ARG B 320 -34.73 17.25 -7.86
N ASP B 321 -34.98 16.97 -9.14
CA ASP B 321 -35.15 15.61 -9.64
C ASP B 321 -33.83 14.87 -9.58
N THR B 322 -33.89 13.54 -9.54
CA THR B 322 -32.72 12.69 -9.65
C THR B 322 -32.20 12.85 -11.07
N PRO B 323 -30.89 12.68 -11.31
CA PRO B 323 -30.35 12.77 -12.66
C PRO B 323 -30.73 11.54 -13.51
N ALA B 324 -30.26 11.51 -14.76
CA ALA B 324 -30.41 10.37 -15.66
C ALA B 324 -29.96 9.07 -15.00
N LEU B 325 -30.89 8.12 -14.84
CA LEU B 325 -30.58 6.81 -14.29
C LEU B 325 -30.97 5.66 -15.20
N PHE B 326 -31.79 5.96 -16.23
CA PHE B 326 -32.48 4.94 -17.03
C PHE B 326 -32.20 4.98 -18.53
N ASN B 327 -31.38 5.93 -18.98
CA ASN B 327 -31.09 6.11 -20.41
C ASN B 327 -30.12 5.08 -20.98
N PHE B 328 -30.36 3.80 -20.69
CA PHE B 328 -29.49 2.70 -21.13
C PHE B 328 -29.42 2.60 -22.65
N THR B 329 -28.25 2.22 -23.17
CA THR B 329 -28.06 1.84 -24.58
C THR B 329 -27.97 0.31 -24.69
N THR B 330 -28.10 -0.18 -25.92
CA THR B 330 -27.98 -1.60 -26.26
C THR B 330 -26.59 -2.11 -25.90
N GLN B 331 -25.58 -1.29 -26.25
CA GLN B 331 -24.19 -1.47 -25.86
C GLN B 331 -24.11 -1.75 -24.38
N GLU B 332 -24.68 -0.86 -23.58
CA GLU B 332 -24.60 -0.89 -22.13
C GLU B 332 -25.31 -2.10 -21.50
N LEU B 333 -26.35 -2.59 -22.19
CA LEU B 333 -27.19 -3.69 -21.71
C LEU B 333 -26.77 -5.06 -22.22
N SER B 334 -25.82 -5.07 -23.16
CA SER B 334 -25.41 -6.28 -23.89
C SER B 334 -24.93 -7.41 -22.99
N SER B 335 -24.28 -7.05 -21.88
CA SER B 335 -24.00 -7.97 -20.77
C SER B 335 -25.16 -8.99 -20.59
N ASN B 336 -26.41 -8.49 -20.57
CA ASN B 336 -27.61 -9.27 -20.24
C ASN B 336 -28.90 -8.48 -20.54
N PRO B 337 -29.32 -8.38 -21.83
CA PRO B 337 -30.46 -7.55 -22.22
C PRO B 337 -31.76 -7.74 -21.45
N PRO B 338 -32.21 -8.98 -21.14
CA PRO B 338 -33.39 -9.18 -20.30
C PRO B 338 -33.53 -8.23 -19.09
N LEU B 339 -32.40 -7.81 -18.50
CA LEU B 339 -32.42 -6.93 -17.32
C LEU B 339 -33.10 -5.56 -17.58
N ALA B 340 -33.21 -5.16 -18.84
CA ALA B 340 -33.89 -3.92 -19.24
C ALA B 340 -35.26 -3.75 -18.58
N THR B 341 -35.97 -4.85 -18.41
CA THR B 341 -37.32 -4.85 -17.84
C THR B 341 -37.35 -4.45 -16.36
N ILE B 342 -36.22 -4.68 -15.66
CA ILE B 342 -36.02 -4.25 -14.27
C ILE B 342 -35.35 -2.88 -14.21
N LEU B 343 -34.37 -2.67 -15.10
CA LEU B 343 -33.54 -1.47 -15.06
C LEU B 343 -34.29 -0.22 -15.49
N ILE B 344 -35.18 -0.37 -16.49
CA ILE B 344 -35.96 0.74 -17.03
C ILE B 344 -37.39 0.66 -16.50
N PRO B 345 -37.76 1.46 -15.48
CA PRO B 345 -39.05 1.31 -14.80
C PRO B 345 -40.19 1.83 -15.69
N PRO B 346 -41.44 1.38 -15.46
CA PRO B 346 -42.58 1.76 -16.29
C PRO B 346 -42.64 3.26 -16.56
N HIS B 347 -42.42 4.09 -15.52
CA HIS B 347 -42.54 5.54 -15.63
C HIS B 347 -41.48 6.23 -16.49
N ALA B 348 -40.33 5.58 -16.73
CA ALA B 348 -39.22 6.18 -17.48
C ALA B 348 -39.61 6.79 -18.83
CL CL C . 11.62 -27.85 36.03
F L7R D . 4.83 4.45 21.08
C2 L7R D . 5.32 3.23 21.27
C1 L7R D . 4.48 2.18 21.57
C3 L7R D . 6.70 3.03 21.14
C4 L7R D . 7.22 1.77 21.33
C5 L7R D . 6.38 0.71 21.65
C L7R D . 5.01 0.90 21.77
C6 L7R D . 6.96 -0.64 21.84
C9 L7R D . 6.63 -1.72 20.88
N2 L7R D . 7.20 -2.93 21.10
C8 L7R D . 8.06 -3.13 22.14
N1 L7R D . 8.61 -4.36 22.31
N L7R D . 8.37 -2.14 22.99
C7 L7R D . 7.84 -0.91 22.87
C10 L7R D . 5.69 -1.51 19.74
C12 L7R D . 6.19 -2.16 18.47
N3 L7R D . 5.44 -3.37 18.86
C11 L7R D . 4.60 -2.57 19.77
S L7R D . 4.73 -4.27 17.72
O L7R D . 4.90 -3.62 16.44
O1 L7R D . 3.32 -4.43 17.98
N4 L7R D . 5.50 -5.71 17.71
C14 L7R D . 6.02 -6.11 19.03
C13 L7R D . 4.62 -6.76 17.18
CL CL E . -7.50 18.29 -40.79
F L7R F . -10.20 18.34 -5.04
C2 L7R F . -10.42 18.11 -6.36
C1 L7R F . -9.39 18.28 -7.29
C3 L7R F . -11.68 17.72 -6.79
C4 L7R F . -11.92 17.49 -8.15
C5 L7R F . -10.88 17.62 -9.07
C L7R F . -9.63 18.04 -8.65
C6 L7R F . -11.21 17.37 -10.50
C9 L7R F . -10.70 16.28 -11.38
N2 L7R F . -11.16 16.23 -12.64
C8 L7R F . -12.03 17.11 -13.12
N1 L7R F . -12.39 16.96 -14.41
N L7R F . -12.51 18.11 -12.35
C7 L7R F . -12.11 18.25 -11.07
C10 L7R F . -9.77 15.14 -11.17
C12 L7R F . -8.80 15.21 -12.34
N3 L7R F . -7.71 14.73 -11.50
C11 L7R F . -8.53 15.02 -10.29
S L7R F . -7.49 13.15 -11.82
O L7R F . -8.44 12.71 -12.83
O1 L7R F . -7.72 12.37 -10.63
N4 L7R F . -6.02 12.73 -12.36
C14 L7R F . -6.10 11.70 -13.41
C13 L7R F . -5.28 13.87 -12.87
#